data_9HJ5
#
_entry.id   9HJ5
#
_cell.length_a   54.083
_cell.length_b   54.120
_cell.length_c   82.657
_cell.angle_alpha   80.071
_cell.angle_beta   85.533
_cell.angle_gamma   89.837
#
_symmetry.space_group_name_H-M   'P 1'
#
loop_
_entity.id
_entity.type
_entity.pdbx_description
1 polymer 'Engineered Fructosyl Peptide Oxidase - D7 mutant'
2 non-polymer 'FLAVIN-ADENINE DINUCLEOTIDE'
3 non-polymer GLYCEROL
4 water water
#
_entity_poly.entity_id   1
_entity_poly.type   'polypeptide(L)'
_entity_poly.pdbx_seq_one_letter_code
;MAPSRANTKVIVVGGGGTIGSSTALHLVRSGYTPSNVTVLDAYPIPSCQSAGNDLNKIMGISGAPLSLEAFQMWNEDELF
KKFFHNTGRLDCAHGEKDIADLKKLYQELVKIIPAEWLDSEDEILKRMPQLTRDQIKGWKAIFMEDGGWLAAAKAIKAIG
EYLRDQGVRFGFYGAGSFKQPLLAEGVCIGVETVDGTRYYADKVVLAAGAWSPTLVELQEQCVSKAWVYGHIQLTPEEAA
RYKNSPVVYNGDVGFFFEPNEHGIIKVCDEFPGFTRFKMHQPFGAKAPKRISVPRSHCKHPTDTIPDASIVRIRRAIATF
MPQFKNKPLFNQAMCWCTDTADGHLLICEHPEWKNFYLATGDSGHSFKLLPIIGKYVVELLEGTLADELAHKWRWRPGSG
DALKSRREAPAKDLADMPGWNHDH
;
_entity_poly.pdbx_strand_id   A,B
#
loop_
_chem_comp.id
_chem_comp.type
_chem_comp.name
_chem_comp.formula
FAD non-polymer 'FLAVIN-ADENINE DINUCLEOTIDE' 'C27 H33 N9 O15 P2'
GOL non-polymer GLYCEROL 'C3 H8 O3'
#
# COMPACT_ATOMS: atom_id res chain seq x y z
N MET A 1 -24.30 -27.63 -19.39
CA MET A 1 -23.34 -28.78 -19.41
C MET A 1 -22.95 -29.12 -20.86
N ALA A 2 -22.61 -28.09 -21.67
CA ALA A 2 -21.94 -28.26 -22.98
C ALA A 2 -20.50 -28.74 -22.76
N PRO A 3 -19.50 -27.90 -22.35
CA PRO A 3 -18.63 -28.27 -21.23
C PRO A 3 -19.44 -28.03 -19.96
N SER A 4 -19.35 -28.98 -19.01
CA SER A 4 -19.90 -28.79 -17.66
C SER A 4 -19.32 -27.53 -17.02
N ARG A 5 -20.04 -26.97 -16.05
CA ARG A 5 -19.40 -26.02 -15.14
C ARG A 5 -18.02 -26.54 -14.79
N ALA A 6 -17.95 -27.82 -14.40
CA ALA A 6 -16.74 -28.38 -13.82
C ALA A 6 -15.59 -28.31 -14.79
N ASN A 7 -15.88 -28.29 -16.11
CA ASN A 7 -14.81 -28.32 -17.10
C ASN A 7 -14.65 -27.00 -17.86
N THR A 8 -15.45 -25.97 -17.53
CA THR A 8 -15.45 -24.71 -18.26
C THR A 8 -14.41 -23.79 -17.64
N LYS A 9 -13.55 -23.27 -18.51
CA LYS A 9 -12.47 -22.36 -18.17
C LYS A 9 -12.89 -20.92 -18.40
N VAL A 10 -12.67 -20.09 -17.38
CA VAL A 10 -13.07 -18.69 -17.39
C VAL A 10 -11.87 -17.81 -16.98
N ILE A 11 -11.63 -16.77 -17.78
CA ILE A 11 -10.69 -15.72 -17.41
C ILE A 11 -11.52 -14.53 -16.94
N VAL A 12 -11.31 -14.12 -15.67
CA VAL A 12 -11.81 -12.85 -15.17
C VAL A 12 -10.70 -11.80 -15.22
N VAL A 13 -10.83 -10.87 -16.17
CA VAL A 13 -9.91 -9.74 -16.28
C VAL A 13 -10.40 -8.64 -15.34
N GLY A 14 -9.51 -8.19 -14.44
CA GLY A 14 -9.88 -7.23 -13.41
C GLY A 14 -10.35 -7.93 -12.15
N GLY A 15 -9.88 -9.17 -11.98
CA GLY A 15 -10.35 -10.05 -10.93
C GLY A 15 -9.86 -9.65 -9.54
N GLY A 16 -8.92 -8.66 -9.52
CA GLY A 16 -8.47 -8.02 -8.28
C GLY A 16 -9.30 -6.79 -7.88
N GLY A 17 -10.46 -6.56 -8.56
CA GLY A 17 -11.32 -5.42 -8.31
C GLY A 17 -12.73 -5.89 -7.92
N THR A 18 -13.75 -5.00 -7.89
CA THR A 18 -14.96 -5.37 -7.15
C THR A 18 -15.75 -6.41 -7.95
N ILE A 19 -16.15 -6.07 -9.18
CA ILE A 19 -17.02 -6.94 -9.95
C ILE A 19 -16.30 -8.23 -10.33
N GLY A 20 -14.99 -8.09 -10.59
CA GLY A 20 -14.16 -9.20 -10.99
C GLY A 20 -13.98 -10.21 -9.87
N SER A 21 -13.62 -9.72 -8.67
CA SER A 21 -13.47 -10.59 -7.51
C SER A 21 -14.80 -11.24 -7.16
N SER A 22 -15.91 -10.52 -7.36
CA SER A 22 -17.22 -11.08 -7.10
C SER A 22 -17.49 -12.22 -8.08
N THR A 23 -17.18 -11.99 -9.34
CA THR A 23 -17.38 -12.96 -10.40
C THR A 23 -16.63 -14.26 -10.07
N ALA A 24 -15.38 -14.14 -9.64
CA ALA A 24 -14.52 -15.31 -9.45
C ALA A 24 -15.08 -16.12 -8.29
N LEU A 25 -15.41 -15.41 -7.20
CA LEU A 25 -16.08 -15.98 -6.02
C LEU A 25 -17.29 -16.81 -6.45
N HIS A 26 -18.18 -16.21 -7.26
CA HIS A 26 -19.40 -16.87 -7.66
C HIS A 26 -19.17 -18.01 -8.64
N LEU A 27 -18.12 -17.94 -9.48
CA LEU A 27 -17.76 -19.10 -10.28
C LEU A 27 -17.44 -20.28 -9.36
N VAL A 28 -16.50 -20.06 -8.45
CA VAL A 28 -16.11 -21.11 -7.52
C VAL A 28 -17.35 -21.66 -6.80
N ARG A 29 -18.18 -20.79 -6.21
CA ARG A 29 -19.37 -21.18 -5.46
C ARG A 29 -20.39 -21.89 -6.34
N SER A 30 -20.48 -21.50 -7.61
CA SER A 30 -21.40 -22.12 -8.56
C SER A 30 -20.97 -23.52 -9.02
N GLY A 31 -19.73 -23.98 -8.75
CA GLY A 31 -19.26 -25.34 -9.08
C GLY A 31 -18.29 -25.37 -10.26
N TYR A 32 -17.84 -24.22 -10.74
CA TYR A 32 -16.67 -24.13 -11.60
C TYR A 32 -15.47 -24.70 -10.85
N THR A 33 -14.57 -25.33 -11.62
CA THR A 33 -13.37 -25.85 -11.02
C THR A 33 -12.49 -24.64 -10.79
N PRO A 34 -12.05 -24.39 -9.52
CA PRO A 34 -11.15 -23.29 -9.18
C PRO A 34 -9.95 -23.10 -10.10
N SER A 35 -9.18 -24.17 -10.34
CA SER A 35 -8.07 -24.14 -11.27
C SER A 35 -8.51 -23.87 -12.71
N ASN A 36 -9.81 -23.93 -13.00
CA ASN A 36 -10.26 -23.57 -14.34
C ASN A 36 -10.60 -22.09 -14.45
N VAL A 37 -10.55 -21.40 -13.30
CA VAL A 37 -10.78 -19.96 -13.25
C VAL A 37 -9.44 -19.27 -13.14
N THR A 38 -9.20 -18.36 -14.10
CA THR A 38 -8.02 -17.49 -14.07
C THR A 38 -8.40 -16.02 -13.85
N VAL A 39 -7.83 -15.46 -12.77
CA VAL A 39 -7.92 -14.05 -12.42
C VAL A 39 -6.67 -13.33 -12.91
N LEU A 40 -6.89 -12.34 -13.79
CA LEU A 40 -5.85 -11.46 -14.28
C LEU A 40 -6.13 -10.04 -13.81
N ASP A 41 -5.09 -9.44 -13.25
CA ASP A 41 -5.13 -8.04 -12.89
C ASP A 41 -3.74 -7.47 -13.10
N ALA A 42 -3.71 -6.19 -13.51
CA ALA A 42 -2.49 -5.40 -13.46
C ALA A 42 -1.81 -5.46 -12.09
N TYR A 43 -2.58 -5.50 -11.01
CA TYR A 43 -2.04 -5.48 -9.66
C TYR A 43 -2.66 -6.60 -8.83
N PRO A 44 -1.85 -7.23 -7.94
CA PRO A 44 -2.34 -8.26 -7.01
C PRO A 44 -3.59 -7.86 -6.22
N ILE A 45 -4.51 -8.83 -6.09
CA ILE A 45 -5.70 -8.68 -5.26
C ILE A 45 -5.26 -8.45 -3.81
N PRO A 46 -5.92 -7.52 -3.07
CA PRO A 46 -6.81 -6.53 -3.68
C PRO A 46 -6.01 -5.46 -4.46
N SER A 47 -6.41 -5.22 -5.71
CA SER A 47 -5.71 -4.30 -6.59
C SER A 47 -5.62 -2.90 -5.97
N CYS A 48 -4.40 -2.35 -5.99
CA CYS A 48 -4.13 -1.05 -5.42
C CYS A 48 -4.71 0.07 -6.27
N GLN A 49 -5.16 -0.23 -7.49
CA GLN A 49 -5.88 0.76 -8.28
C GLN A 49 -7.39 0.44 -8.30
N SER A 50 -7.85 -0.59 -7.58
CA SER A 50 -9.29 -0.89 -7.53
C SER A 50 -10.05 0.19 -6.74
N ALA A 51 -11.15 0.69 -7.33
CA ALA A 51 -12.02 1.62 -6.63
C ALA A 51 -12.52 1.02 -5.31
N GLY A 52 -12.50 -0.33 -5.21
CA GLY A 52 -13.04 -1.05 -4.06
C GLY A 52 -12.04 -1.16 -2.91
N ASN A 53 -10.75 -0.97 -3.23
CA ASN A 53 -9.65 -1.06 -2.29
C ASN A 53 -9.59 0.22 -1.43
N ASP A 54 -10.55 0.33 -0.49
CA ASP A 54 -10.67 1.48 0.38
C ASP A 54 -10.91 1.00 1.81
N LEU A 55 -10.57 1.85 2.79
CA LEU A 55 -10.87 1.58 4.19
C LEU A 55 -12.37 1.41 4.42
N ASN A 56 -13.20 2.18 3.68
CA ASN A 56 -14.62 2.07 3.90
C ASN A 56 -15.42 2.65 2.74
N LYS A 57 -16.58 2.07 2.54
CA LYS A 57 -17.59 2.60 1.65
C LYS A 57 -18.87 2.54 2.44
N ILE A 58 -19.91 3.15 1.91
CA ILE A 58 -21.14 3.30 2.63
C ILE A 58 -22.14 2.36 1.98
N MET A 59 -22.89 1.66 2.83
CA MET A 59 -23.85 0.64 2.40
C MET A 59 -25.23 1.22 2.71
N GLY A 60 -25.82 1.82 1.68
CA GLY A 60 -27.17 2.34 1.83
C GLY A 60 -28.12 1.64 0.88
N ILE A 61 -29.28 1.24 1.39
CA ILE A 61 -30.31 0.68 0.52
C ILE A 61 -30.84 1.78 -0.41
N SER A 62 -31.02 1.39 -1.68
CA SER A 62 -31.71 2.20 -2.68
C SER A 62 -32.77 1.33 -3.36
N GLY A 63 -33.39 1.88 -4.42
CA GLY A 63 -34.20 1.09 -5.34
C GLY A 63 -33.34 0.27 -6.29
N ALA A 64 -32.19 0.85 -6.68
CA ALA A 64 -31.29 0.31 -7.70
C ALA A 64 -31.35 -1.21 -7.71
N PRO A 65 -31.01 -1.86 -8.86
CA PRO A 65 -31.03 -3.32 -8.96
C PRO A 65 -30.11 -3.94 -7.91
N LEU A 66 -30.67 -4.89 -7.14
CA LEU A 66 -29.89 -5.83 -6.36
C LEU A 66 -29.49 -5.26 -5.00
N SER A 67 -29.90 -4.02 -4.72
CA SER A 67 -29.55 -3.31 -3.50
C SER A 67 -29.88 -4.13 -2.27
N LEU A 68 -31.11 -4.64 -2.20
CA LEU A 68 -31.65 -5.36 -1.06
C LEU A 68 -31.11 -6.79 -0.99
N GLU A 69 -30.88 -7.42 -2.16
CA GLU A 69 -30.27 -8.74 -2.16
C GLU A 69 -28.81 -8.62 -1.69
N ALA A 70 -28.15 -7.53 -2.04
CA ALA A 70 -26.77 -7.31 -1.62
C ALA A 70 -26.72 -7.09 -0.10
N PHE A 71 -27.60 -6.21 0.38
CA PHE A 71 -27.76 -5.92 1.80
C PHE A 71 -27.95 -7.21 2.61
N GLN A 72 -28.85 -8.07 2.13
CA GLN A 72 -29.08 -9.35 2.79
C GLN A 72 -27.77 -10.12 2.92
N MET A 73 -26.98 -10.21 1.83
CA MET A 73 -25.76 -11.02 1.85
CA MET A 73 -25.76 -11.01 1.84
C MET A 73 -24.71 -10.38 2.75
N TRP A 74 -24.67 -9.05 2.82
CA TRP A 74 -23.76 -8.39 3.75
C TRP A 74 -24.12 -8.75 5.20
N ASN A 75 -25.40 -9.01 5.46
CA ASN A 75 -25.87 -9.38 6.79
C ASN A 75 -25.75 -10.89 7.04
N GLU A 76 -25.98 -11.72 6.03
CA GLU A 76 -26.11 -13.14 6.29
C GLU A 76 -24.91 -13.94 5.80
N ASP A 77 -24.18 -13.45 4.78
CA ASP A 77 -23.22 -14.33 4.14
C ASP A 77 -21.97 -14.38 5.01
N GLU A 78 -21.48 -15.60 5.25
CA GLU A 78 -20.49 -15.88 6.27
C GLU A 78 -19.14 -15.26 5.88
N LEU A 79 -18.81 -15.19 4.58
CA LEU A 79 -17.60 -14.47 4.15
C LEU A 79 -17.76 -12.96 4.34
N PHE A 80 -18.91 -12.39 4.01
CA PHE A 80 -18.98 -10.94 3.84
C PHE A 80 -19.36 -10.26 5.15
N LYS A 81 -20.01 -11.01 6.06
CA LYS A 81 -20.69 -10.36 7.16
C LYS A 81 -19.68 -9.77 8.15
N LYS A 82 -18.41 -10.17 8.20
CA LYS A 82 -17.53 -9.50 9.16
C LYS A 82 -17.03 -8.15 8.64
N PHE A 83 -17.42 -7.77 7.42
CA PHE A 83 -16.94 -6.54 6.80
C PHE A 83 -18.05 -5.50 6.71
N PHE A 84 -19.23 -5.83 7.22
CA PHE A 84 -20.30 -4.86 7.19
C PHE A 84 -20.64 -4.44 8.62
N HIS A 85 -20.74 -3.13 8.86
CA HIS A 85 -21.04 -2.60 10.18
C HIS A 85 -22.37 -1.87 10.14
N ASN A 86 -23.43 -2.52 10.62
CA ASN A 86 -24.73 -1.88 10.55
C ASN A 86 -24.85 -0.80 11.66
N THR A 87 -24.85 0.46 11.23
CA THR A 87 -24.81 1.60 12.14
C THR A 87 -26.14 2.35 12.15
N GLY A 88 -27.05 2.01 11.24
CA GLY A 88 -28.18 2.86 10.95
C GLY A 88 -27.72 3.98 10.03
N ARG A 89 -28.69 4.62 9.39
CA ARG A 89 -28.43 5.60 8.37
C ARG A 89 -29.42 6.74 8.54
N LEU A 90 -28.90 7.94 8.34
CA LEU A 90 -29.67 9.17 8.50
C LEU A 90 -29.49 10.03 7.26
N ASP A 91 -30.55 10.17 6.47
CA ASP A 91 -30.54 11.14 5.37
C ASP A 91 -31.09 12.48 5.88
N CYS A 92 -30.26 13.52 5.80
CA CYS A 92 -30.63 14.86 6.23
C CYS A 92 -30.81 15.79 5.03
N ALA A 93 -31.77 16.72 5.15
CA ALA A 93 -32.12 17.66 4.10
C ALA A 93 -32.50 19.00 4.73
N HIS A 94 -31.96 20.07 4.13
CA HIS A 94 -32.29 21.44 4.52
C HIS A 94 -32.76 22.14 3.25
N GLY A 95 -33.82 22.95 3.37
CA GLY A 95 -34.34 23.75 2.26
C GLY A 95 -35.56 23.10 1.62
N GLU A 96 -36.19 23.82 0.68
CA GLU A 96 -37.39 23.38 0.00
C GLU A 96 -37.06 22.19 -0.91
N LYS A 97 -35.93 22.29 -1.62
CA LYS A 97 -35.52 21.36 -2.67
C LYS A 97 -35.07 20.02 -2.08
N ASP A 98 -34.27 20.09 -1.02
CA ASP A 98 -33.73 18.88 -0.43
C ASP A 98 -34.84 18.17 0.33
N ILE A 99 -35.68 18.95 1.04
CA ILE A 99 -36.72 18.38 1.89
C ILE A 99 -37.80 17.78 1.00
N ALA A 100 -38.00 18.43 -0.16
CA ALA A 100 -38.90 17.96 -1.21
C ALA A 100 -38.46 16.59 -1.70
N ASP A 101 -37.18 16.48 -2.04
CA ASP A 101 -36.65 15.27 -2.64
C ASP A 101 -36.41 14.20 -1.57
N LEU A 102 -36.09 14.63 -0.35
CA LEU A 102 -36.06 13.72 0.79
C LEU A 102 -37.45 13.10 0.97
N LYS A 103 -38.51 13.88 0.71
CA LYS A 103 -39.87 13.35 0.81
C LYS A 103 -40.14 12.35 -0.33
N LYS A 104 -39.57 12.58 -1.52
CA LYS A 104 -39.72 11.62 -2.63
C LYS A 104 -39.00 10.32 -2.31
N LEU A 105 -37.73 10.42 -1.85
CA LEU A 105 -36.96 9.25 -1.44
C LEU A 105 -37.70 8.50 -0.33
N TYR A 106 -38.27 9.22 0.63
CA TYR A 106 -38.90 8.57 1.75
C TYR A 106 -40.00 7.66 1.24
N GLN A 107 -40.83 8.18 0.32
CA GLN A 107 -41.98 7.47 -0.21
C GLN A 107 -41.55 6.17 -0.88
N GLU A 108 -40.53 6.27 -1.74
N GLU A 108 -40.53 6.27 -1.74
CA GLU A 108 -40.00 5.11 -2.43
CA GLU A 108 -39.99 5.12 -2.44
C GLU A 108 -39.39 4.14 -1.43
C GLU A 108 -39.37 4.14 -1.45
N LEU A 109 -38.54 4.67 -0.52
CA LEU A 109 -37.74 3.84 0.37
C LEU A 109 -38.59 3.12 1.42
N VAL A 110 -39.67 3.76 1.90
CA VAL A 110 -40.45 3.18 2.99
C VAL A 110 -41.24 1.96 2.50
N LYS A 111 -41.39 1.80 1.17
CA LYS A 111 -42.00 0.61 0.59
C LYS A 111 -41.07 -0.58 0.63
N ILE A 112 -39.75 -0.33 0.79
CA ILE A 112 -38.70 -1.32 0.55
C ILE A 112 -38.14 -1.80 1.90
N ILE A 113 -37.96 -0.87 2.83
CA ILE A 113 -37.43 -1.15 4.15
C ILE A 113 -38.14 -0.25 5.15
N PRO A 114 -38.11 -0.58 6.47
CA PRO A 114 -38.53 0.37 7.48
C PRO A 114 -37.68 1.64 7.41
N ALA A 115 -38.37 2.78 7.42
CA ALA A 115 -37.74 4.09 7.43
C ALA A 115 -38.65 4.99 8.24
N GLU A 116 -38.06 6.04 8.81
CA GLU A 116 -38.71 6.84 9.84
C GLU A 116 -38.48 8.30 9.46
N TRP A 117 -39.57 8.98 9.07
CA TRP A 117 -39.51 10.41 8.78
C TRP A 117 -39.30 11.16 10.09
N LEU A 118 -38.33 12.06 10.12
CA LEU A 118 -37.99 12.77 11.34
C LEU A 118 -38.29 14.25 11.11
N ASP A 119 -39.32 14.72 11.85
CA ASP A 119 -39.88 16.04 11.63
C ASP A 119 -39.20 17.03 12.59
N SER A 120 -38.99 16.64 13.85
CA SER A 120 -38.46 17.57 14.85
C SER A 120 -36.93 17.51 14.88
N GLU A 121 -36.32 18.63 15.30
CA GLU A 121 -34.89 18.68 15.57
C GLU A 121 -34.54 17.75 16.72
N ASP A 122 -35.50 17.56 17.64
CA ASP A 122 -35.29 16.72 18.80
C ASP A 122 -35.18 15.27 18.34
N GLU A 123 -36.01 14.89 17.37
CA GLU A 123 -36.07 13.52 16.85
C GLU A 123 -34.75 13.19 16.15
N ILE A 124 -34.20 14.20 15.46
CA ILE A 124 -32.93 14.05 14.77
C ILE A 124 -31.82 13.79 15.79
N LEU A 125 -31.69 14.71 16.77
CA LEU A 125 -30.66 14.68 17.80
C LEU A 125 -30.64 13.39 18.61
N LYS A 126 -31.79 12.67 18.70
CA LYS A 126 -31.86 11.41 19.42
C LYS A 126 -31.24 10.29 18.60
N ARG A 127 -31.26 10.40 17.26
CA ARG A 127 -30.72 9.35 16.40
C ARG A 127 -29.22 9.59 16.19
N MET A 128 -28.81 10.86 16.22
CA MET A 128 -27.42 11.27 16.18
C MET A 128 -27.15 12.44 17.15
N PRO A 129 -26.85 12.15 18.44
CA PRO A 129 -26.61 13.22 19.42
C PRO A 129 -25.37 14.07 19.20
N GLN A 130 -24.54 13.71 18.22
CA GLN A 130 -23.33 14.46 17.92
C GLN A 130 -23.65 15.71 17.08
N LEU A 131 -24.88 15.83 16.58
CA LEU A 131 -25.27 17.08 15.96
C LEU A 131 -25.72 18.06 17.04
N THR A 132 -25.55 19.37 16.79
CA THR A 132 -25.96 20.42 17.71
C THR A 132 -27.36 20.88 17.35
N ARG A 133 -28.08 21.54 18.27
CA ARG A 133 -29.46 21.92 18.02
C ARG A 133 -29.54 22.91 16.86
N ASP A 134 -28.68 23.94 16.85
CA ASP A 134 -28.84 25.06 15.93
C ASP A 134 -28.10 24.77 14.62
N GLN A 135 -27.20 23.77 14.63
CA GLN A 135 -26.64 23.21 13.41
C GLN A 135 -27.77 22.76 12.50
N ILE A 136 -28.73 22.03 13.10
CA ILE A 136 -29.80 21.34 12.37
C ILE A 136 -31.12 22.14 12.33
N LYS A 137 -31.09 23.44 12.67
CA LYS A 137 -32.27 24.28 12.51
C LYS A 137 -32.78 24.17 11.08
N GLY A 138 -34.03 23.68 10.93
CA GLY A 138 -34.72 23.59 9.64
C GLY A 138 -34.60 22.22 8.97
N TRP A 139 -33.84 21.31 9.60
CA TRP A 139 -33.52 20.01 9.00
C TRP A 139 -34.71 19.07 9.16
N LYS A 140 -34.95 18.26 8.12
CA LYS A 140 -35.66 17.00 8.21
C LYS A 140 -34.66 15.85 7.99
N ALA A 141 -35.14 14.63 8.15
CA ALA A 141 -34.26 13.48 8.18
C ALA A 141 -35.07 12.21 8.04
N ILE A 142 -34.52 11.24 7.29
CA ILE A 142 -35.00 9.87 7.35
C ILE A 142 -34.00 9.05 8.14
N PHE A 143 -34.48 8.40 9.19
CA PHE A 143 -33.67 7.40 9.85
C PHE A 143 -34.08 6.04 9.32
N MET A 144 -33.07 5.20 9.04
CA MET A 144 -33.29 3.80 8.71
C MET A 144 -32.35 2.94 9.52
N GLU A 145 -32.87 1.88 10.16
CA GLU A 145 -32.02 1.04 10.99
C GLU A 145 -31.04 0.34 10.06
N ASP A 146 -31.48 0.13 8.82
CA ASP A 146 -30.71 -0.60 7.85
C ASP A 146 -29.73 0.33 7.14
N GLY A 147 -28.43 0.10 7.36
CA GLY A 147 -27.42 0.99 6.82
C GLY A 147 -26.15 0.93 7.64
N GLY A 148 -25.04 1.26 7.01
CA GLY A 148 -23.76 1.16 7.68
C GLY A 148 -22.62 1.34 6.71
N TRP A 149 -21.44 0.90 7.12
CA TRP A 149 -20.24 1.02 6.29
C TRP A 149 -19.69 -0.38 6.06
N LEU A 150 -18.80 -0.46 5.07
CA LEU A 150 -18.21 -1.72 4.65
C LEU A 150 -16.71 -1.54 4.66
N ALA A 151 -16.00 -2.47 5.31
CA ALA A 151 -14.54 -2.53 5.22
C ALA A 151 -14.18 -3.07 3.85
N ALA A 152 -14.11 -2.19 2.86
CA ALA A 152 -14.24 -2.57 1.47
C ALA A 152 -13.03 -3.39 1.02
N ALA A 153 -11.84 -2.91 1.35
CA ALA A 153 -10.60 -3.52 0.91
C ALA A 153 -10.43 -4.90 1.53
N LYS A 154 -10.82 -4.97 2.81
CA LYS A 154 -10.71 -6.18 3.59
C LYS A 154 -11.59 -7.27 2.98
N ALA A 155 -12.75 -6.87 2.45
CA ALA A 155 -13.73 -7.80 1.86
C ALA A 155 -13.18 -8.41 0.57
N ILE A 156 -12.62 -7.56 -0.29
CA ILE A 156 -11.97 -8.05 -1.49
C ILE A 156 -10.78 -8.93 -1.13
N LYS A 157 -10.00 -8.51 -0.13
CA LYS A 157 -8.86 -9.32 0.27
C LYS A 157 -9.36 -10.68 0.74
N ALA A 158 -10.46 -10.74 1.50
CA ALA A 158 -11.06 -12.02 1.92
C ALA A 158 -11.52 -12.88 0.74
N ILE A 159 -12.14 -12.26 -0.28
CA ILE A 159 -12.41 -12.99 -1.51
C ILE A 159 -11.09 -13.55 -2.06
N GLY A 160 -10.02 -12.74 -2.11
CA GLY A 160 -8.78 -13.19 -2.71
C GLY A 160 -8.20 -14.41 -2.00
N GLU A 161 -8.29 -14.38 -0.67
CA GLU A 161 -7.74 -15.42 0.18
C GLU A 161 -8.52 -16.72 0.01
N TYR A 162 -9.83 -16.61 -0.17
CA TYR A 162 -10.66 -17.79 -0.40
C TYR A 162 -10.37 -18.37 -1.77
N LEU A 163 -10.29 -17.50 -2.78
CA LEU A 163 -10.01 -17.98 -4.11
C LEU A 163 -8.63 -18.64 -4.16
N ARG A 164 -7.65 -18.12 -3.38
CA ARG A 164 -6.33 -18.71 -3.39
C ARG A 164 -6.41 -20.11 -2.79
N ASP A 165 -7.02 -20.22 -1.60
CA ASP A 165 -7.20 -21.49 -0.88
C ASP A 165 -7.89 -22.57 -1.72
N GLN A 166 -8.89 -22.17 -2.55
CA GLN A 166 -9.61 -23.06 -3.45
C GLN A 166 -8.80 -23.47 -4.68
N GLY A 167 -7.72 -22.75 -5.02
CA GLY A 167 -6.87 -23.07 -6.16
C GLY A 167 -7.18 -22.30 -7.45
N VAL A 168 -7.90 -21.16 -7.36
CA VAL A 168 -7.98 -20.28 -8.52
C VAL A 168 -6.58 -19.91 -8.98
N ARG A 169 -6.41 -19.77 -10.31
CA ARG A 169 -5.16 -19.32 -10.90
C ARG A 169 -5.16 -17.78 -10.98
N PHE A 170 -3.96 -17.23 -10.88
CA PHE A 170 -3.77 -15.79 -10.80
C PHE A 170 -2.65 -15.36 -11.72
N GLY A 171 -2.83 -14.20 -12.34
CA GLY A 171 -1.77 -13.54 -13.06
C GLY A 171 -1.82 -12.05 -12.76
N PHE A 172 -0.68 -11.49 -12.32
CA PHE A 172 -0.58 -10.08 -12.03
C PHE A 172 0.61 -9.50 -12.76
N TYR A 173 0.68 -8.17 -12.75
CA TYR A 173 1.69 -7.39 -13.43
C TYR A 173 1.60 -7.63 -14.93
N GLY A 174 2.73 -7.80 -15.60
CA GLY A 174 2.72 -7.99 -17.05
C GLY A 174 2.01 -9.28 -17.44
N ALA A 175 1.99 -10.25 -16.53
CA ALA A 175 1.29 -11.52 -16.68
C ALA A 175 -0.21 -11.37 -16.38
N GLY A 176 -0.62 -10.18 -15.93
CA GLY A 176 -2.04 -9.95 -15.63
C GLY A 176 -2.68 -8.81 -16.39
N SER A 177 -1.89 -7.88 -16.94
CA SER A 177 -2.53 -6.74 -17.59
C SER A 177 -2.98 -7.09 -18.99
N PHE A 178 -4.31 -7.05 -19.19
CA PHE A 178 -4.93 -7.32 -20.48
C PHE A 178 -4.36 -6.42 -21.58
N LYS A 179 -3.97 -7.05 -22.70
CA LYS A 179 -3.66 -6.35 -23.92
C LYS A 179 -4.78 -6.55 -24.95
N GLN A 180 -5.22 -7.80 -25.18
CA GLN A 180 -6.26 -8.03 -26.18
C GLN A 180 -6.96 -9.35 -25.95
N PRO A 181 -8.20 -9.52 -26.49
CA PRO A 181 -8.83 -10.83 -26.56
C PRO A 181 -8.04 -11.63 -27.58
N LEU A 182 -8.05 -12.95 -27.40
CA LEU A 182 -7.71 -13.87 -28.47
C LEU A 182 -9.01 -14.28 -29.14
N LEU A 183 -9.05 -14.04 -30.47
CA LEU A 183 -10.22 -14.24 -31.29
C LEU A 183 -9.87 -15.27 -32.38
N ALA A 184 -10.67 -16.31 -32.47
CA ALA A 184 -10.61 -17.22 -33.60
C ALA A 184 -12.00 -17.29 -34.21
N GLU A 185 -12.19 -16.56 -35.33
CA GLU A 185 -13.36 -16.76 -36.18
C GLU A 185 -14.56 -16.18 -35.43
N GLY A 186 -14.40 -14.94 -34.94
CA GLY A 186 -15.44 -14.19 -34.26
C GLY A 186 -15.69 -14.64 -32.82
N VAL A 187 -15.00 -15.70 -32.37
CA VAL A 187 -15.14 -16.29 -31.05
C VAL A 187 -13.92 -15.90 -30.23
N CYS A 188 -14.14 -15.46 -28.97
CA CYS A 188 -13.04 -15.17 -28.06
C CYS A 188 -12.65 -16.49 -27.42
N ILE A 189 -11.33 -16.83 -27.49
CA ILE A 189 -10.82 -18.09 -26.98
C ILE A 189 -9.78 -17.83 -25.90
N GLY A 190 -9.63 -16.58 -25.48
CA GLY A 190 -8.69 -16.28 -24.41
C GLY A 190 -8.27 -14.82 -24.45
N VAL A 191 -7.12 -14.58 -23.84
CA VAL A 191 -6.63 -13.26 -23.50
C VAL A 191 -5.11 -13.28 -23.64
N GLU A 192 -4.58 -12.23 -24.26
CA GLU A 192 -3.15 -11.99 -24.19
C GLU A 192 -2.84 -10.83 -23.24
N THR A 193 -1.82 -11.01 -22.39
CA THR A 193 -1.34 -9.92 -21.54
C THR A 193 -0.20 -9.16 -22.21
N VAL A 194 0.19 -8.08 -21.55
CA VAL A 194 1.15 -7.14 -22.09
C VAL A 194 2.54 -7.79 -22.19
N ASP A 195 2.80 -8.85 -21.42
CA ASP A 195 4.06 -9.55 -21.51
C ASP A 195 4.00 -10.63 -22.59
N GLY A 196 2.86 -10.80 -23.27
CA GLY A 196 2.72 -11.76 -24.36
C GLY A 196 2.19 -13.11 -23.88
N THR A 197 1.90 -13.24 -22.59
CA THR A 197 1.35 -14.50 -22.10
C THR A 197 -0.04 -14.67 -22.69
N ARG A 198 -0.41 -15.90 -23.05
CA ARG A 198 -1.70 -16.12 -23.70
C ARG A 198 -2.45 -17.13 -22.85
N TYR A 199 -3.66 -16.76 -22.41
CA TYR A 199 -4.42 -17.67 -21.59
C TYR A 199 -5.61 -18.09 -22.43
N TYR A 200 -5.88 -19.39 -22.48
CA TYR A 200 -6.96 -19.93 -23.27
C TYR A 200 -8.07 -20.33 -22.30
N ALA A 201 -9.31 -20.02 -22.70
CA ALA A 201 -10.46 -20.35 -21.90
C ALA A 201 -11.68 -20.28 -22.81
N ASP A 202 -12.79 -20.78 -22.27
CA ASP A 202 -14.06 -20.85 -22.97
C ASP A 202 -14.71 -19.48 -22.93
N LYS A 203 -14.56 -18.78 -21.78
CA LYS A 203 -15.21 -17.50 -21.52
C LYS A 203 -14.27 -16.55 -20.81
N VAL A 204 -14.41 -15.28 -21.20
CA VAL A 204 -13.60 -14.19 -20.71
C VAL A 204 -14.57 -13.12 -20.22
N VAL A 205 -14.39 -12.67 -18.95
CA VAL A 205 -15.06 -11.52 -18.38
C VAL A 205 -14.07 -10.36 -18.31
N LEU A 206 -14.44 -9.22 -18.90
CA LEU A 206 -13.74 -7.97 -18.64
C LEU A 206 -14.43 -7.15 -17.54
N ALA A 207 -13.92 -7.25 -16.31
CA ALA A 207 -14.42 -6.49 -15.19
C ALA A 207 -13.26 -5.60 -14.73
N ALA A 208 -12.88 -4.67 -15.61
CA ALA A 208 -11.71 -3.82 -15.44
C ALA A 208 -12.07 -2.40 -14.97
N GLY A 209 -13.25 -2.25 -14.38
CA GLY A 209 -13.60 -0.96 -13.83
C GLY A 209 -13.48 0.18 -14.85
N ALA A 210 -12.86 1.25 -14.38
CA ALA A 210 -12.65 2.49 -15.12
C ALA A 210 -11.65 2.29 -16.26
N TRP A 211 -10.97 1.13 -16.27
CA TRP A 211 -10.04 0.84 -17.36
C TRP A 211 -10.77 0.11 -18.50
N SER A 212 -11.98 -0.36 -18.22
CA SER A 212 -12.72 -1.08 -19.24
C SER A 212 -12.69 -0.33 -20.58
N PRO A 213 -13.14 0.95 -20.64
CA PRO A 213 -13.31 1.60 -21.93
C PRO A 213 -11.98 1.85 -22.62
N THR A 214 -10.91 1.78 -21.85
CA THR A 214 -9.55 1.97 -22.30
C THR A 214 -8.97 0.67 -22.82
N LEU A 215 -9.48 -0.50 -22.42
CA LEU A 215 -8.94 -1.75 -22.91
C LEU A 215 -9.68 -2.26 -24.15
N VAL A 216 -11.00 -2.08 -24.20
CA VAL A 216 -11.75 -2.50 -25.36
C VAL A 216 -12.70 -1.37 -25.75
N GLU A 217 -13.04 -1.33 -27.05
CA GLU A 217 -13.86 -0.29 -27.63
C GLU A 217 -15.28 -0.46 -27.11
N LEU A 218 -15.76 0.57 -26.42
CA LEU A 218 -17.05 0.53 -25.74
C LEU A 218 -18.00 1.56 -26.33
N GLN A 219 -17.55 2.31 -27.35
CA GLN A 219 -18.37 3.28 -28.06
C GLN A 219 -19.01 4.23 -27.05
N GLU A 220 -18.25 4.61 -26.03
CA GLU A 220 -18.59 5.71 -25.15
C GLU A 220 -19.79 5.41 -24.27
N GLN A 221 -20.17 4.13 -24.19
CA GLN A 221 -21.21 3.66 -23.27
C GLN A 221 -20.82 3.89 -21.80
N CYS A 222 -19.50 3.77 -21.54
CA CYS A 222 -18.90 4.06 -20.26
C CYS A 222 -17.88 5.18 -20.42
N VAL A 223 -17.96 6.12 -19.48
CA VAL A 223 -17.00 7.21 -19.44
C VAL A 223 -16.44 7.22 -18.03
N SER A 224 -15.10 7.12 -17.97
CA SER A 224 -14.40 7.03 -16.70
C SER A 224 -14.25 8.40 -16.07
N LYS A 225 -14.42 8.43 -14.75
CA LYS A 225 -14.48 9.66 -13.99
C LYS A 225 -13.73 9.50 -12.66
N ALA A 226 -13.00 10.53 -12.25
CA ALA A 226 -12.27 10.44 -11.01
C ALA A 226 -13.09 11.10 -9.92
N TRP A 227 -13.04 10.47 -8.76
CA TRP A 227 -13.85 10.81 -7.61
C TRP A 227 -12.89 11.11 -6.50
N VAL A 228 -12.86 12.36 -6.07
CA VAL A 228 -11.82 12.74 -5.14
C VAL A 228 -12.38 12.61 -3.73
N TYR A 229 -11.46 12.38 -2.80
CA TYR A 229 -11.81 12.31 -1.39
C TYR A 229 -10.58 12.71 -0.58
N GLY A 230 -10.81 13.00 0.70
CA GLY A 230 -9.71 13.28 1.59
C GLY A 230 -9.99 12.81 3.00
N HIS A 231 -9.05 13.16 3.88
CA HIS A 231 -9.12 12.75 5.27
C HIS A 231 -8.97 13.95 6.18
N ILE A 232 -9.68 13.90 7.30
CA ILE A 232 -9.35 14.73 8.44
C ILE A 232 -9.01 13.77 9.57
N GLN A 233 -8.22 14.25 10.53
CA GLN A 233 -7.88 13.49 11.71
C GLN A 233 -8.40 14.18 12.96
N LEU A 234 -9.03 13.39 13.83
CA LEU A 234 -9.56 13.86 15.10
C LEU A 234 -8.68 13.32 16.22
N THR A 235 -8.50 14.09 17.30
CA THR A 235 -7.85 13.57 18.50
C THR A 235 -8.66 12.40 19.05
N PRO A 236 -8.08 11.54 19.93
CA PRO A 236 -8.86 10.47 20.57
C PRO A 236 -10.11 10.96 21.30
N GLU A 237 -10.03 12.18 21.86
CA GLU A 237 -11.13 12.77 22.57
C GLU A 237 -12.22 13.11 21.56
N GLU A 238 -11.88 13.86 20.51
CA GLU A 238 -12.83 14.18 19.45
C GLU A 238 -13.41 12.88 18.85
N ALA A 239 -12.55 11.88 18.59
CA ALA A 239 -12.99 10.65 17.97
C ALA A 239 -14.06 9.96 18.81
N ALA A 240 -13.86 9.94 20.15
CA ALA A 240 -14.72 9.21 21.07
C ALA A 240 -16.15 9.73 21.01
N ARG A 241 -16.29 11.02 20.71
CA ARG A 241 -17.58 11.69 20.62
C ARG A 241 -18.42 11.15 19.47
N TYR A 242 -17.80 10.43 18.50
CA TYR A 242 -18.51 9.97 17.31
C TYR A 242 -18.75 8.47 17.38
N LYS A 243 -18.40 7.86 18.52
CA LYS A 243 -18.74 6.49 18.84
C LYS A 243 -20.24 6.27 18.62
N ASN A 244 -20.57 5.25 17.82
CA ASN A 244 -21.93 4.75 17.63
C ASN A 244 -22.78 5.67 16.74
N SER A 245 -22.16 6.59 16.01
CA SER A 245 -22.91 7.48 15.15
C SER A 245 -23.30 6.70 13.89
N PRO A 246 -24.39 7.11 13.19
CA PRO A 246 -24.75 6.48 11.92
C PRO A 246 -24.10 7.11 10.69
N VAL A 247 -24.34 6.44 9.57
CA VAL A 247 -24.08 6.97 8.26
C VAL A 247 -25.07 8.10 7.97
N VAL A 248 -24.58 9.13 7.29
CA VAL A 248 -25.32 10.35 7.02
C VAL A 248 -25.30 10.65 5.51
N TYR A 249 -26.47 11.01 4.95
CA TYR A 249 -26.61 11.32 3.54
C TYR A 249 -27.19 12.73 3.35
N ASN A 250 -26.44 13.59 2.64
CA ASN A 250 -27.01 14.83 2.12
C ASN A 250 -27.48 14.54 0.70
N GLY A 251 -28.79 14.35 0.55
CA GLY A 251 -29.40 13.85 -0.67
C GLY A 251 -28.81 12.50 -1.12
N ASP A 252 -27.90 12.57 -2.11
CA ASP A 252 -27.37 11.40 -2.78
C ASP A 252 -25.98 11.08 -2.26
N VAL A 253 -25.45 11.91 -1.34
CA VAL A 253 -24.06 11.82 -0.88
C VAL A 253 -24.03 11.27 0.55
N GLY A 254 -23.34 10.12 0.74
CA GLY A 254 -23.15 9.50 2.04
C GLY A 254 -21.80 9.84 2.67
N PHE A 255 -21.78 9.91 4.02
CA PHE A 255 -20.60 10.18 4.82
C PHE A 255 -20.67 9.33 6.09
N PHE A 256 -19.54 9.15 6.76
CA PHE A 256 -19.49 8.41 8.02
C PHE A 256 -18.40 9.06 8.85
N PHE A 257 -18.79 9.53 10.04
CA PHE A 257 -18.00 10.49 10.79
C PHE A 257 -17.38 9.83 12.02
N GLU A 258 -17.51 8.50 12.17
CA GLU A 258 -16.79 7.84 13.26
C GLU A 258 -15.39 7.50 12.74
N PRO A 259 -14.34 8.05 13.40
CA PRO A 259 -12.96 7.82 12.96
C PRO A 259 -12.52 6.37 13.08
N ASN A 260 -11.58 5.97 12.22
CA ASN A 260 -10.94 4.67 12.33
C ASN A 260 -9.99 4.71 13.53
N GLU A 261 -9.21 3.63 13.67
CA GLU A 261 -8.28 3.44 14.78
C GLU A 261 -7.28 4.60 14.91
N HIS A 262 -7.00 5.35 13.82
CA HIS A 262 -5.98 6.39 13.85
C HIS A 262 -6.60 7.79 13.96
N GLY A 263 -7.92 7.86 14.14
CA GLY A 263 -8.63 9.12 14.19
C GLY A 263 -9.06 9.64 12.82
N ILE A 264 -8.90 8.83 11.77
CA ILE A 264 -9.15 9.29 10.40
C ILE A 264 -10.63 9.13 10.04
N ILE A 265 -11.14 10.20 9.42
CA ILE A 265 -12.43 10.21 8.77
C ILE A 265 -12.19 10.48 7.29
N LYS A 266 -12.71 9.61 6.45
CA LYS A 266 -12.66 9.80 5.02
C LYS A 266 -13.85 10.64 4.58
N VAL A 267 -13.61 11.74 3.86
CA VAL A 267 -14.74 12.48 3.30
C VAL A 267 -14.56 12.56 1.78
N CYS A 268 -15.64 12.17 1.10
CA CYS A 268 -15.72 12.14 -0.35
C CYS A 268 -16.33 13.41 -0.95
N ASP A 269 -15.88 13.76 -2.16
CA ASP A 269 -16.54 14.73 -3.01
C ASP A 269 -17.94 14.23 -3.32
N GLU A 270 -18.78 15.12 -3.84
CA GLU A 270 -20.19 14.79 -3.96
C GLU A 270 -20.40 13.80 -5.10
N PHE A 271 -19.44 13.72 -6.03
CA PHE A 271 -19.60 12.91 -7.22
C PHE A 271 -18.20 12.69 -7.82
N PRO A 272 -18.06 11.67 -8.72
CA PRO A 272 -17.01 11.68 -9.75
C PRO A 272 -17.09 12.98 -10.58
N GLY A 273 -16.13 13.87 -10.39
CA GLY A 273 -16.20 15.21 -10.96
C GLY A 273 -15.35 15.41 -12.21
N PHE A 274 -14.52 14.41 -12.59
CA PHE A 274 -13.37 14.73 -13.42
C PHE A 274 -13.12 13.61 -14.43
N THR A 275 -13.04 13.94 -15.71
CA THR A 275 -12.46 13.07 -16.72
C THR A 275 -10.98 13.37 -16.93
N ARG A 276 -10.30 12.43 -17.60
CA ARG A 276 -8.93 12.61 -18.04
C ARG A 276 -8.80 12.19 -19.53
N PHE A 277 -9.46 12.92 -20.41
CA PHE A 277 -9.45 12.69 -21.83
C PHE A 277 -8.03 12.64 -22.39
N LYS A 278 -7.75 11.57 -23.14
CA LYS A 278 -6.52 11.44 -23.90
C LYS A 278 -6.83 10.63 -25.15
N MET A 279 -5.91 10.73 -26.12
CA MET A 279 -6.02 9.97 -27.34
C MET A 279 -5.54 8.55 -27.03
N HIS A 280 -6.35 7.55 -27.37
CA HIS A 280 -6.02 6.24 -26.89
C HIS A 280 -6.69 5.27 -27.84
N GLN A 281 -6.14 4.07 -27.94
CA GLN A 281 -6.67 3.08 -28.87
C GLN A 281 -6.93 1.78 -28.12
N PRO A 282 -8.15 1.63 -27.54
CA PRO A 282 -8.64 0.36 -27.02
C PRO A 282 -8.66 -0.69 -28.13
N PHE A 283 -8.48 -1.94 -27.73
CA PHE A 283 -8.65 -3.04 -28.65
C PHE A 283 -10.05 -2.95 -29.26
N GLY A 284 -10.13 -2.94 -30.59
CA GLY A 284 -11.41 -2.96 -31.25
C GLY A 284 -11.71 -1.61 -31.85
N ALA A 285 -10.81 -0.65 -31.62
CA ALA A 285 -10.97 0.66 -32.22
C ALA A 285 -9.99 0.79 -33.38
N LYS A 286 -10.50 1.27 -34.52
CA LYS A 286 -9.74 1.34 -35.74
C LYS A 286 -8.65 2.41 -35.59
N ALA A 287 -8.99 3.52 -34.94
CA ALA A 287 -8.00 4.56 -34.72
C ALA A 287 -8.06 5.05 -33.27
N PRO A 288 -6.99 5.73 -32.81
CA PRO A 288 -7.01 6.40 -31.52
C PRO A 288 -8.27 7.24 -31.41
N LYS A 289 -8.74 7.46 -30.19
CA LYS A 289 -9.80 8.43 -30.04
C LYS A 289 -9.76 9.01 -28.63
N ARG A 290 -10.42 10.14 -28.47
CA ARG A 290 -10.41 10.89 -27.23
C ARG A 290 -11.25 10.15 -26.19
N ILE A 291 -10.55 9.46 -25.29
CA ILE A 291 -11.19 8.68 -24.22
CA ILE A 291 -11.26 8.77 -24.22
C ILE A 291 -10.65 9.16 -22.87
N SER A 292 -11.50 9.11 -21.86
CA SER A 292 -11.13 9.38 -20.48
C SER A 292 -10.44 8.16 -19.93
N VAL A 293 -9.16 8.33 -19.61
CA VAL A 293 -8.39 7.19 -19.18
C VAL A 293 -7.81 7.46 -17.80
N PRO A 294 -8.05 6.56 -16.83
CA PRO A 294 -7.65 6.81 -15.44
C PRO A 294 -6.16 6.96 -15.28
N ARG A 295 -5.76 7.63 -14.20
CA ARG A 295 -4.41 7.56 -13.66
C ARG A 295 -4.38 6.55 -12.52
N SER A 296 -3.50 5.55 -12.61
CA SER A 296 -3.36 4.53 -11.55
C SER A 296 -2.98 5.20 -10.21
N HIS A 297 -3.60 4.75 -9.10
CA HIS A 297 -3.26 5.26 -7.79
C HIS A 297 -1.97 4.62 -7.27
N CYS A 298 -1.68 3.40 -7.71
CA CYS A 298 -0.40 2.81 -7.39
C CYS A 298 0.70 3.42 -8.27
N LYS A 299 0.39 4.55 -8.95
CA LYS A 299 1.40 5.39 -9.60
C LYS A 299 0.97 6.87 -9.67
N HIS A 300 0.11 7.34 -8.75
CA HIS A 300 -0.25 8.76 -8.71
C HIS A 300 -0.83 9.19 -7.37
N PRO A 301 -0.22 8.92 -6.19
CA PRO A 301 -0.52 9.69 -4.98
C PRO A 301 0.11 11.07 -5.14
N THR A 302 -0.38 12.06 -4.37
CA THR A 302 -0.03 13.46 -4.53
C THR A 302 -0.05 13.85 -6.02
N ASP A 303 -1.22 13.70 -6.65
CA ASP A 303 -1.50 14.31 -7.95
C ASP A 303 -2.45 15.48 -7.73
N THR A 304 -2.35 16.54 -8.56
CA THR A 304 -3.13 17.77 -8.44
C THR A 304 -4.61 17.44 -8.28
N ILE A 305 -5.09 17.52 -7.03
CA ILE A 305 -6.50 17.39 -6.68
C ILE A 305 -7.20 18.72 -6.93
N PRO A 306 -8.26 18.75 -7.77
CA PRO A 306 -8.94 20.02 -8.07
C PRO A 306 -9.41 20.74 -6.82
N ASP A 307 -9.04 22.02 -6.73
CA ASP A 307 -9.52 22.86 -5.65
C ASP A 307 -11.03 22.82 -5.50
N ALA A 308 -11.78 22.74 -6.60
CA ALA A 308 -13.22 22.67 -6.45
C ALA A 308 -13.59 21.50 -5.54
N SER A 309 -12.91 20.36 -5.69
CA SER A 309 -13.24 19.18 -4.90
C SER A 309 -13.07 19.48 -3.42
N ILE A 310 -11.95 20.10 -3.09
CA ILE A 310 -11.55 20.36 -1.71
C ILE A 310 -12.57 21.28 -1.06
N VAL A 311 -13.16 22.15 -1.87
CA VAL A 311 -14.13 23.11 -1.39
C VAL A 311 -15.46 22.37 -1.13
N ARG A 312 -15.94 21.50 -2.03
CA ARG A 312 -17.15 20.75 -1.71
C ARG A 312 -16.91 19.87 -0.50
N ILE A 313 -15.70 19.32 -0.34
CA ILE A 313 -15.49 18.43 0.79
C ILE A 313 -15.54 19.25 2.08
N ARG A 314 -14.96 20.45 2.05
CA ARG A 314 -14.96 21.32 3.21
C ARG A 314 -16.38 21.82 3.47
N ARG A 315 -17.14 22.09 2.43
CA ARG A 315 -18.55 22.42 2.61
C ARG A 315 -19.24 21.33 3.44
N ALA A 316 -19.01 20.05 3.12
CA ALA A 316 -19.73 18.97 3.77
C ALA A 316 -19.33 18.83 5.24
N ILE A 317 -18.04 19.02 5.51
CA ILE A 317 -17.50 18.97 6.85
C ILE A 317 -18.09 20.12 7.68
N ALA A 318 -18.10 21.34 7.11
CA ALA A 318 -18.78 22.47 7.73
C ALA A 318 -20.24 22.14 8.07
N THR A 319 -20.98 21.50 7.15
CA THR A 319 -22.39 21.20 7.38
C THR A 319 -22.62 20.30 8.61
N PHE A 320 -21.79 19.25 8.75
CA PHE A 320 -22.08 18.15 9.64
C PHE A 320 -21.14 18.10 10.84
N MET A 321 -19.96 18.69 10.72
CA MET A 321 -19.06 18.84 11.85
C MET A 321 -18.50 20.26 11.87
N PRO A 322 -19.32 21.31 12.12
CA PRO A 322 -18.83 22.69 12.27
C PRO A 322 -17.57 22.88 13.12
N GLN A 323 -17.49 22.15 14.23
CA GLN A 323 -16.36 22.28 15.16
C GLN A 323 -15.06 21.81 14.49
N PHE A 324 -15.16 21.11 13.35
CA PHE A 324 -14.00 20.54 12.66
C PHE A 324 -13.75 21.22 11.32
N LYS A 325 -14.38 22.37 11.09
CA LYS A 325 -14.21 23.06 9.82
C LYS A 325 -12.74 23.42 9.60
N ASN A 326 -11.98 23.64 10.67
CA ASN A 326 -10.61 24.12 10.59
C ASN A 326 -9.59 22.99 10.41
N LYS A 327 -10.08 21.74 10.36
CA LYS A 327 -9.17 20.61 10.28
C LYS A 327 -8.61 20.51 8.87
N PRO A 328 -7.27 20.31 8.75
CA PRO A 328 -6.62 20.13 7.46
C PRO A 328 -7.00 18.82 6.78
N LEU A 329 -7.25 18.92 5.48
CA LEU A 329 -7.69 17.81 4.65
C LEU A 329 -6.43 17.22 4.04
N PHE A 330 -6.09 15.98 4.37
CA PHE A 330 -4.84 15.41 3.92
C PHE A 330 -5.11 14.06 3.24
N ASN A 331 -4.04 13.52 2.62
CA ASN A 331 -4.08 12.23 1.94
C ASN A 331 -5.23 12.31 0.93
N GLN A 332 -5.24 13.39 0.16
CA GLN A 332 -6.27 13.61 -0.84
C GLN A 332 -5.96 12.68 -1.99
N ALA A 333 -7.00 12.02 -2.49
CA ALA A 333 -6.75 11.06 -3.53
C ALA A 333 -7.98 10.95 -4.41
N MET A 334 -7.81 10.23 -5.51
CA MET A 334 -8.89 10.02 -6.45
C MET A 334 -9.00 8.53 -6.60
N CYS A 335 -10.22 8.04 -6.64
CA CYS A 335 -10.46 6.74 -7.20
C CYS A 335 -11.41 6.90 -8.37
N TRP A 336 -11.28 5.94 -9.28
CA TRP A 336 -11.89 6.03 -10.58
C TRP A 336 -13.04 5.04 -10.66
N CYS A 337 -14.10 5.52 -11.27
CA CYS A 337 -15.26 4.72 -11.63
CA CYS A 337 -15.27 4.73 -11.62
C CYS A 337 -15.53 4.93 -13.11
N THR A 338 -16.60 4.34 -13.67
CA THR A 338 -16.95 4.57 -15.06
C THR A 338 -18.47 4.63 -15.11
N ASP A 339 -19.01 5.72 -15.67
CA ASP A 339 -20.43 5.97 -15.74
C ASP A 339 -21.01 5.51 -17.07
N THR A 340 -22.17 4.84 -16.97
CA THR A 340 -23.08 4.71 -18.09
C THR A 340 -23.98 5.94 -18.11
N ALA A 341 -24.66 6.16 -19.25
CA ALA A 341 -25.54 7.32 -19.37
C ALA A 341 -26.67 7.20 -18.35
N ASP A 342 -27.13 5.96 -18.10
CA ASP A 342 -28.30 5.77 -17.27
C ASP A 342 -27.93 5.36 -15.84
N GLY A 343 -26.66 5.12 -15.53
CA GLY A 343 -26.25 4.75 -14.18
C GLY A 343 -26.37 3.24 -13.93
N HIS A 344 -26.85 2.47 -14.90
CA HIS A 344 -26.94 1.03 -14.72
C HIS A 344 -25.66 0.39 -15.19
N LEU A 345 -25.49 -0.87 -14.78
CA LEU A 345 -24.29 -1.61 -15.09
C LEU A 345 -24.28 -1.93 -16.60
N LEU A 346 -23.09 -2.21 -17.11
CA LEU A 346 -22.94 -2.81 -18.42
C LEU A 346 -22.48 -4.24 -18.20
N ILE A 347 -23.41 -5.17 -18.31
CA ILE A 347 -23.09 -6.56 -18.11
C ILE A 347 -23.73 -7.35 -19.24
N CYS A 348 -22.92 -7.63 -20.27
CA CYS A 348 -23.44 -8.21 -21.49
C CYS A 348 -22.34 -8.96 -22.23
N GLU A 349 -22.78 -9.88 -23.11
CA GLU A 349 -21.87 -10.48 -24.07
C GLU A 349 -21.52 -9.41 -25.09
N HIS A 350 -20.25 -9.41 -25.51
CA HIS A 350 -19.82 -8.50 -26.56
C HIS A 350 -20.61 -8.87 -27.81
N PRO A 351 -21.07 -7.90 -28.65
CA PRO A 351 -21.92 -8.24 -29.80
C PRO A 351 -21.18 -8.90 -30.96
N GLU A 352 -19.83 -8.85 -30.97
CA GLU A 352 -19.04 -9.49 -32.01
C GLU A 352 -18.11 -10.56 -31.47
N TRP A 353 -17.55 -10.39 -30.26
CA TRP A 353 -16.65 -11.40 -29.76
C TRP A 353 -17.40 -12.38 -28.88
N LYS A 354 -17.86 -13.48 -29.48
CA LYS A 354 -18.57 -14.49 -28.73
C LYS A 354 -17.72 -15.00 -27.57
N ASN A 355 -18.40 -15.24 -26.45
CA ASN A 355 -17.82 -15.67 -25.18
C ASN A 355 -16.86 -14.64 -24.55
N PHE A 356 -16.89 -13.38 -25.03
CA PHE A 356 -16.28 -12.25 -24.34
C PHE A 356 -17.40 -11.43 -23.74
N TYR A 357 -17.37 -11.23 -22.42
CA TYR A 357 -18.40 -10.55 -21.65
C TYR A 357 -17.87 -9.31 -20.90
N LEU A 358 -18.67 -8.23 -21.01
CA LEU A 358 -18.46 -6.97 -20.31
C LEU A 358 -19.10 -7.13 -18.95
N ALA A 359 -18.40 -6.68 -17.91
CA ALA A 359 -18.94 -6.55 -16.56
C ALA A 359 -18.32 -5.33 -15.92
N THR A 360 -18.94 -4.19 -16.22
CA THR A 360 -18.39 -2.89 -15.87
C THR A 360 -19.55 -1.91 -15.83
N GLY A 361 -19.31 -0.61 -16.03
CA GLY A 361 -20.36 0.38 -15.92
C GLY A 361 -20.82 0.62 -14.47
N ASP A 362 -19.88 0.46 -13.51
CA ASP A 362 -20.12 0.50 -12.08
C ASP A 362 -20.88 1.75 -11.65
N SER A 363 -20.62 2.85 -12.36
CA SER A 363 -21.32 4.12 -12.27
C SER A 363 -21.21 4.71 -10.86
N GLY A 364 -20.17 4.26 -10.14
CA GLY A 364 -19.76 4.86 -8.88
C GLY A 364 -20.62 4.47 -7.69
N HIS A 365 -21.34 3.33 -7.76
CA HIS A 365 -22.23 2.93 -6.66
C HIS A 365 -22.47 1.42 -6.67
N SER A 366 -21.40 0.65 -6.97
CA SER A 366 -21.47 -0.81 -7.12
C SER A 366 -20.57 -1.52 -6.10
N PHE A 367 -19.86 -0.82 -5.22
CA PHE A 367 -19.08 -1.57 -4.27
C PHE A 367 -20.01 -2.46 -3.43
N LYS A 368 -21.22 -1.96 -3.15
N LYS A 368 -21.23 -1.96 -3.14
CA LYS A 368 -22.18 -2.60 -2.28
CA LYS A 368 -22.17 -2.62 -2.26
C LYS A 368 -22.73 -3.90 -2.87
C LYS A 368 -22.78 -3.87 -2.89
N LEU A 369 -22.55 -4.09 -4.20
CA LEU A 369 -23.01 -5.29 -4.87
C LEU A 369 -21.95 -6.39 -4.78
N LEU A 370 -20.78 -6.07 -4.20
CA LEU A 370 -19.71 -7.05 -4.14
C LEU A 370 -20.21 -8.45 -3.72
N PRO A 371 -21.07 -8.65 -2.71
CA PRO A 371 -21.49 -10.03 -2.38
C PRO A 371 -22.17 -10.77 -3.53
N ILE A 372 -22.89 -10.04 -4.39
CA ILE A 372 -23.93 -10.65 -5.19
C ILE A 372 -23.67 -10.46 -6.70
N ILE A 373 -22.95 -9.41 -7.10
CA ILE A 373 -22.98 -9.06 -8.52
C ILE A 373 -22.43 -10.23 -9.35
N GLY A 374 -21.43 -10.95 -8.84
CA GLY A 374 -20.80 -12.03 -9.57
C GLY A 374 -21.78 -13.15 -9.89
N LYS A 375 -22.80 -13.31 -9.08
CA LYS A 375 -23.81 -14.31 -9.37
C LYS A 375 -24.43 -14.06 -10.74
N TYR A 376 -24.75 -12.80 -10.98
CA TYR A 376 -25.49 -12.40 -12.15
C TYR A 376 -24.59 -12.47 -13.37
N VAL A 377 -23.29 -12.24 -13.16
CA VAL A 377 -22.32 -12.34 -14.24
C VAL A 377 -22.19 -13.80 -14.68
N VAL A 378 -22.19 -14.73 -13.71
CA VAL A 378 -22.20 -16.15 -14.01
C VAL A 378 -23.50 -16.52 -14.76
N GLU A 379 -24.66 -16.00 -14.31
CA GLU A 379 -25.91 -16.28 -14.99
C GLU A 379 -25.81 -15.83 -16.45
N LEU A 380 -25.20 -14.65 -16.67
CA LEU A 380 -24.96 -14.16 -18.01
C LEU A 380 -24.13 -15.18 -18.80
N LEU A 381 -23.02 -15.69 -18.22
CA LEU A 381 -22.12 -16.59 -18.93
C LEU A 381 -22.87 -17.86 -19.35
N GLU A 382 -23.86 -18.25 -18.52
CA GLU A 382 -24.56 -19.51 -18.69
C GLU A 382 -25.85 -19.28 -19.49
N GLY A 383 -26.10 -18.03 -19.89
CA GLY A 383 -27.26 -17.71 -20.70
C GLY A 383 -28.56 -17.81 -19.90
N THR A 384 -28.50 -17.67 -18.58
CA THR A 384 -29.69 -17.80 -17.75
C THR A 384 -30.02 -16.51 -17.03
N LEU A 385 -29.41 -15.38 -17.43
CA LEU A 385 -29.71 -14.11 -16.78
C LEU A 385 -31.15 -13.69 -17.08
N ALA A 386 -31.86 -13.18 -16.07
CA ALA A 386 -33.25 -12.74 -16.23
C ALA A 386 -33.28 -11.60 -17.25
N ASP A 387 -34.29 -11.59 -18.13
CA ASP A 387 -34.34 -10.64 -19.23
C ASP A 387 -34.33 -9.22 -18.70
N GLU A 388 -34.96 -9.02 -17.54
CA GLU A 388 -35.06 -7.71 -16.92
C GLU A 388 -33.66 -7.21 -16.62
N LEU A 389 -32.78 -8.07 -16.08
CA LEU A 389 -31.42 -7.64 -15.76
C LEU A 389 -30.61 -7.56 -17.06
N ALA A 390 -30.79 -8.51 -17.97
CA ALA A 390 -30.14 -8.47 -19.27
C ALA A 390 -30.44 -7.16 -19.98
N HIS A 391 -31.70 -6.71 -19.95
CA HIS A 391 -32.08 -5.48 -20.64
C HIS A 391 -31.40 -4.28 -20.01
N LYS A 392 -31.49 -4.19 -18.68
CA LYS A 392 -30.99 -3.10 -17.89
C LYS A 392 -29.48 -2.92 -18.12
N TRP A 393 -28.81 -4.04 -18.44
CA TRP A 393 -27.36 -4.12 -18.45
C TRP A 393 -26.85 -4.31 -19.88
N ARG A 394 -27.76 -4.17 -20.84
CA ARG A 394 -27.49 -4.56 -22.21
C ARG A 394 -26.41 -3.66 -22.84
N TRP A 395 -25.82 -4.19 -23.91
CA TRP A 395 -25.07 -3.42 -24.86
C TRP A 395 -25.97 -2.33 -25.45
N ARG A 396 -25.56 -1.07 -25.29
CA ARG A 396 -26.43 0.05 -25.59
C ARG A 396 -25.62 1.27 -25.99
N PRO A 397 -24.68 1.13 -26.97
CA PRO A 397 -23.99 2.29 -27.52
C PRO A 397 -25.01 3.29 -28.05
N GLY A 398 -24.73 4.59 -27.86
CA GLY A 398 -25.59 5.62 -28.39
C GLY A 398 -26.95 5.68 -27.69
N SER A 399 -27.01 5.26 -26.42
CA SER A 399 -28.26 5.30 -25.69
C SER A 399 -28.28 6.50 -24.76
N GLY A 400 -27.32 7.43 -24.91
CA GLY A 400 -27.25 8.56 -24.02
C GLY A 400 -25.80 8.96 -23.78
N ASP A 401 -25.63 10.14 -23.19
CA ASP A 401 -24.35 10.76 -22.94
C ASP A 401 -23.81 10.31 -21.58
N ALA A 402 -22.83 9.40 -21.58
CA ALA A 402 -22.21 8.95 -20.34
C ALA A 402 -21.33 10.02 -19.67
N LEU A 403 -20.84 11.01 -20.42
CA LEU A 403 -20.05 12.10 -19.85
C LEU A 403 -20.84 12.90 -18.81
N LYS A 404 -22.12 13.12 -19.09
CA LYS A 404 -23.05 13.74 -18.16
C LYS A 404 -23.69 12.70 -17.25
N SER A 405 -24.07 11.58 -17.86
CA SER A 405 -24.75 10.50 -17.16
C SER A 405 -26.07 11.03 -16.61
N ARG A 406 -26.47 10.56 -15.42
N ARG A 406 -26.51 10.52 -15.45
CA ARG A 406 -27.68 11.03 -14.77
CA ARG A 406 -27.69 11.06 -14.79
C ARG A 406 -27.31 12.22 -13.87
C ARG A 406 -27.24 12.02 -13.70
N ARG A 407 -26.03 12.58 -13.85
CA ARG A 407 -25.53 13.63 -12.96
C ARG A 407 -25.96 15.00 -13.50
N GLU A 408 -25.96 16.00 -12.60
CA GLU A 408 -26.37 17.37 -12.88
C GLU A 408 -25.57 17.96 -14.04
N ALA A 409 -24.25 17.73 -14.08
CA ALA A 409 -23.35 18.32 -15.08
C ALA A 409 -22.54 17.24 -15.79
N PRO A 410 -22.04 17.49 -17.02
CA PRO A 410 -20.84 16.81 -17.52
C PRO A 410 -19.64 17.04 -16.61
N ALA A 411 -18.79 16.02 -16.48
CA ALA A 411 -17.58 16.08 -15.69
C ALA A 411 -16.56 17.02 -16.35
N LYS A 412 -15.88 17.84 -15.54
CA LYS A 412 -14.83 18.73 -16.02
C LYS A 412 -13.53 17.92 -16.20
N ASP A 413 -12.75 18.24 -17.22
CA ASP A 413 -11.53 17.51 -17.51
C ASP A 413 -10.39 18.02 -16.64
N LEU A 414 -9.51 17.10 -16.20
CA LEU A 414 -8.41 17.44 -15.32
C LEU A 414 -7.39 18.35 -16.02
N ALA A 415 -7.24 18.21 -17.35
CA ALA A 415 -6.26 18.98 -18.09
C ALA A 415 -6.46 20.48 -17.78
N ASP A 416 -7.70 20.97 -17.91
CA ASP A 416 -8.05 22.32 -17.54
C ASP A 416 -7.40 22.65 -16.19
N MET B 1 15.24 13.38 39.79
CA MET B 1 14.33 12.20 39.71
C MET B 1 14.96 11.11 38.84
N ALA B 2 14.42 9.89 38.95
CA ALA B 2 14.75 8.79 38.06
C ALA B 2 13.65 7.73 38.16
N PRO B 3 12.54 7.84 37.37
CA PRO B 3 11.45 6.84 37.41
C PRO B 3 11.92 5.39 37.21
N SER B 4 11.10 4.41 37.65
CA SER B 4 11.37 3.00 37.34
C SER B 4 11.09 2.78 35.86
N ARG B 5 11.59 1.67 35.28
CA ARG B 5 11.15 1.29 33.95
C ARG B 5 9.64 1.37 33.82
N ALA B 6 8.91 0.90 34.84
CA ALA B 6 7.47 0.67 34.72
C ALA B 6 6.72 2.00 34.70
N ASN B 7 7.38 3.07 35.19
CA ASN B 7 6.75 4.38 35.22
C ASN B 7 7.43 5.39 34.30
N THR B 8 8.37 4.92 33.44
CA THR B 8 9.07 5.79 32.51
C THR B 8 8.29 5.86 31.19
N LYS B 9 8.02 7.09 30.76
CA LYS B 9 7.32 7.35 29.51
C LYS B 9 8.35 7.57 28.41
N VAL B 10 8.22 6.84 27.30
CA VAL B 10 9.16 7.00 26.19
C VAL B 10 8.36 7.26 24.91
N ILE B 11 8.72 8.29 24.16
CA ILE B 11 8.19 8.51 22.82
C ILE B 11 9.23 7.96 21.84
N VAL B 12 8.78 7.10 20.92
CA VAL B 12 9.62 6.65 19.83
C VAL B 12 9.14 7.27 18.52
N VAL B 13 9.94 8.17 18.00
CA VAL B 13 9.65 8.81 16.73
C VAL B 13 10.24 7.93 15.62
N GLY B 14 9.41 7.64 14.61
CA GLY B 14 9.77 6.69 13.57
C GLY B 14 9.46 5.26 13.99
N GLY B 15 8.50 5.11 14.92
CA GLY B 15 8.20 3.83 15.55
C GLY B 15 7.57 2.81 14.61
N GLY B 16 7.19 3.25 13.39
CA GLY B 16 6.66 2.40 12.34
C GLY B 16 7.73 1.96 11.36
N GLY B 17 8.98 2.30 11.67
CA GLY B 17 10.14 1.95 10.87
C GLY B 17 11.01 0.93 11.60
N THR B 18 12.23 0.67 11.09
CA THR B 18 13.02 -0.48 11.48
C THR B 18 13.47 -0.33 12.93
N ILE B 19 14.39 0.61 13.17
CA ILE B 19 15.01 0.79 14.48
C ILE B 19 13.99 1.27 15.51
N GLY B 20 13.03 2.08 15.06
CA GLY B 20 11.99 2.56 15.94
C GLY B 20 11.06 1.44 16.41
N SER B 21 10.65 0.56 15.49
CA SER B 21 9.80 -0.56 15.86
C SER B 21 10.56 -1.51 16.77
N SER B 22 11.87 -1.68 16.52
CA SER B 22 12.69 -2.59 17.32
C SER B 22 12.83 -2.04 18.72
N THR B 23 13.05 -0.73 18.80
CA THR B 23 13.07 0.00 20.07
C THR B 23 11.79 -0.22 20.87
N ALA B 24 10.63 -0.12 20.22
CA ALA B 24 9.35 -0.10 20.94
C ALA B 24 9.09 -1.48 21.53
N LEU B 25 9.37 -2.51 20.70
CA LEU B 25 9.37 -3.91 21.07
C LEU B 25 10.30 -4.18 22.26
N HIS B 26 11.54 -3.66 22.25
CA HIS B 26 12.47 -3.92 23.34
C HIS B 26 12.09 -3.16 24.62
N LEU B 27 11.42 -2.03 24.48
CA LEU B 27 10.92 -1.32 25.65
C LEU B 27 9.85 -2.16 26.32
N VAL B 28 8.87 -2.58 25.53
CA VAL B 28 7.84 -3.43 26.06
C VAL B 28 8.46 -4.69 26.68
N ARG B 29 9.34 -5.38 25.95
CA ARG B 29 9.97 -6.62 26.41
C ARG B 29 10.79 -6.43 27.68
N SER B 30 11.38 -5.24 27.83
CA SER B 30 12.28 -4.89 28.91
C SER B 30 11.52 -4.61 30.22
N GLY B 31 10.18 -4.42 30.16
CA GLY B 31 9.37 -4.22 31.35
C GLY B 31 8.81 -2.79 31.47
N TYR B 32 9.00 -1.95 30.43
CA TYR B 32 8.31 -0.67 30.32
C TYR B 32 6.82 -0.93 30.16
N THR B 33 6.00 0.02 30.64
CA THR B 33 4.57 -0.19 30.58
C THR B 33 4.15 0.16 29.15
N PRO B 34 3.45 -0.77 28.44
CA PRO B 34 3.11 -0.52 27.03
C PRO B 34 2.44 0.85 26.84
N SER B 35 1.50 1.23 27.70
CA SER B 35 0.80 2.50 27.53
C SER B 35 1.68 3.69 27.88
N ASN B 36 2.85 3.43 28.46
CA ASN B 36 3.85 4.45 28.72
C ASN B 36 4.73 4.72 27.48
N VAL B 37 4.62 3.84 26.48
CA VAL B 37 5.36 4.00 25.23
C VAL B 37 4.43 4.60 24.19
N THR B 38 4.88 5.71 23.58
CA THR B 38 4.22 6.31 22.44
C THR B 38 5.07 6.13 21.18
N VAL B 39 4.49 5.43 20.19
CA VAL B 39 5.03 5.32 18.84
C VAL B 39 4.41 6.42 17.95
N LEU B 40 5.28 7.31 17.43
CA LEU B 40 4.88 8.38 16.54
C LEU B 40 5.52 8.15 15.16
N ASP B 41 4.71 8.17 14.11
CA ASP B 41 5.22 8.03 12.77
C ASP B 41 4.35 8.84 11.84
N ALA B 42 4.94 9.37 10.75
CA ALA B 42 4.13 10.01 9.71
C ALA B 42 3.07 9.06 9.17
N TYR B 43 3.42 7.76 9.10
CA TYR B 43 2.52 6.76 8.52
C TYR B 43 2.39 5.57 9.45
N PRO B 44 1.17 4.96 9.54
CA PRO B 44 0.96 3.75 10.34
C PRO B 44 1.96 2.62 10.03
N ILE B 45 2.38 1.95 11.11
CA ILE B 45 3.23 0.76 11.09
C ILE B 45 2.55 -0.36 10.27
N PRO B 46 3.26 -1.06 9.35
CA PRO B 46 4.58 -0.65 8.87
C PRO B 46 4.52 0.56 7.92
N SER B 47 5.31 1.60 8.27
CA SER B 47 5.32 2.84 7.52
C SER B 47 5.56 2.57 6.03
N CYS B 48 4.72 3.19 5.18
CA CYS B 48 4.83 2.98 3.73
C CYS B 48 6.06 3.67 3.19
N GLN B 49 6.71 4.54 3.98
CA GLN B 49 7.96 5.15 3.57
C GLN B 49 9.15 4.50 4.29
N SER B 50 8.90 3.52 5.17
CA SER B 50 10.00 2.87 5.86
C SER B 50 10.86 2.07 4.89
N ALA B 51 12.18 2.33 4.92
CA ALA B 51 13.17 1.48 4.26
C ALA B 51 12.98 0.00 4.62
N GLY B 52 12.29 -0.31 5.76
CA GLY B 52 12.02 -1.69 6.18
C GLY B 52 10.82 -2.35 5.48
N ASN B 53 9.82 -1.53 5.08
CA ASN B 53 8.55 -2.00 4.54
C ASN B 53 8.74 -2.53 3.11
N ASP B 54 9.33 -3.74 3.01
CA ASP B 54 9.69 -4.35 1.74
C ASP B 54 9.23 -5.81 1.70
N LEU B 55 9.05 -6.36 0.50
CA LEU B 55 8.75 -7.79 0.35
C LEU B 55 9.93 -8.63 0.87
N ASN B 56 11.18 -8.13 0.79
CA ASN B 56 12.27 -8.93 1.31
C ASN B 56 13.56 -8.12 1.34
N LYS B 57 14.42 -8.49 2.29
CA LYS B 57 15.80 -8.06 2.36
C LYS B 57 16.66 -9.30 2.56
N ILE B 58 17.96 -9.13 2.41
CA ILE B 58 18.86 -10.26 2.47
C ILE B 58 19.50 -10.26 3.86
N MET B 59 19.70 -11.45 4.43
CA MET B 59 20.34 -11.58 5.74
C MET B 59 21.66 -12.32 5.55
N GLY B 60 22.76 -11.57 5.59
CA GLY B 60 24.09 -12.15 5.59
C GLY B 60 24.76 -11.93 6.95
N ILE B 61 25.62 -12.84 7.37
CA ILE B 61 26.44 -12.57 8.53
C ILE B 61 27.64 -11.76 8.05
N SER B 62 27.99 -10.73 8.84
N SER B 62 28.02 -10.75 8.86
CA SER B 62 29.17 -9.89 8.66
CA SER B 62 29.22 -9.96 8.66
C SER B 62 29.92 -9.81 9.98
C SER B 62 30.08 -10.05 9.91
N GLY B 63 31.10 -9.18 9.98
CA GLY B 63 31.82 -8.90 11.21
C GLY B 63 31.13 -7.79 12.00
N ALA B 64 30.48 -6.86 11.27
CA ALA B 64 29.83 -5.66 11.79
C ALA B 64 29.10 -5.91 13.12
N PRO B 65 28.88 -4.84 13.96
CA PRO B 65 28.28 -4.98 15.29
C PRO B 65 26.90 -5.62 15.27
N LEU B 66 26.75 -6.71 16.04
CA LEU B 66 25.48 -7.33 16.37
C LEU B 66 25.01 -8.33 15.31
N SER B 67 25.72 -8.46 14.19
CA SER B 67 25.33 -9.26 13.03
C SER B 67 24.97 -10.69 13.46
N LEU B 68 25.91 -11.32 14.18
CA LEU B 68 25.74 -12.69 14.63
C LEU B 68 24.56 -12.76 15.60
N GLU B 69 24.48 -11.80 16.53
CA GLU B 69 23.43 -11.79 17.54
C GLU B 69 22.04 -11.64 16.91
N ALA B 70 21.94 -10.80 15.89
CA ALA B 70 20.67 -10.59 15.22
C ALA B 70 20.32 -11.84 14.43
N PHE B 71 21.32 -12.49 13.81
CA PHE B 71 21.10 -13.74 13.09
C PHE B 71 20.53 -14.81 14.02
N GLN B 72 21.14 -14.96 15.19
CA GLN B 72 20.62 -15.89 16.20
C GLN B 72 19.15 -15.65 16.54
N MET B 73 18.75 -14.37 16.66
N MET B 73 18.76 -14.36 16.64
CA MET B 73 17.38 -14.01 17.04
CA MET B 73 17.40 -13.99 17.02
C MET B 73 16.44 -14.23 15.85
C MET B 73 16.44 -14.22 15.86
N TRP B 74 16.92 -13.97 14.64
CA TRP B 74 16.16 -14.30 13.44
C TRP B 74 15.86 -15.82 13.39
N ASN B 75 16.78 -16.63 13.94
CA ASN B 75 16.61 -18.09 13.99
C ASN B 75 15.86 -18.53 15.22
N GLU B 76 16.06 -17.85 16.36
CA GLU B 76 15.54 -18.32 17.64
C GLU B 76 14.21 -17.66 18.01
N ASP B 77 14.06 -16.36 17.76
CA ASP B 77 13.04 -15.57 18.45
C ASP B 77 11.65 -15.93 17.93
N GLU B 78 10.69 -16.11 18.84
CA GLU B 78 9.39 -16.66 18.47
C GLU B 78 8.73 -15.72 17.47
N LEU B 79 8.93 -14.41 17.68
CA LEU B 79 8.26 -13.42 16.85
C LEU B 79 8.89 -13.40 15.46
N PHE B 80 10.22 -13.49 15.36
CA PHE B 80 10.91 -13.13 14.14
C PHE B 80 11.20 -14.33 13.26
N LYS B 81 11.14 -15.53 13.84
CA LYS B 81 11.75 -16.66 13.16
C LYS B 81 10.88 -17.05 11.97
N LYS B 82 9.59 -16.76 12.01
CA LYS B 82 8.72 -17.08 10.89
C LYS B 82 9.01 -16.21 9.66
N PHE B 83 9.73 -15.07 9.84
CA PHE B 83 10.05 -14.16 8.74
C PHE B 83 11.50 -14.29 8.29
N PHE B 84 12.21 -15.24 8.85
CA PHE B 84 13.50 -15.57 8.32
C PHE B 84 13.48 -16.91 7.59
N HIS B 85 13.92 -16.89 6.34
CA HIS B 85 14.06 -18.08 5.51
C HIS B 85 15.55 -18.36 5.25
N ASN B 86 16.12 -19.34 5.96
CA ASN B 86 17.52 -19.68 5.78
C ASN B 86 17.72 -20.55 4.53
N THR B 87 18.20 -19.94 3.44
CA THR B 87 18.40 -20.62 2.16
C THR B 87 19.86 -20.96 1.87
N GLY B 88 20.79 -20.57 2.74
CA GLY B 88 22.20 -20.58 2.38
C GLY B 88 22.53 -19.37 1.53
N ARG B 89 23.84 -19.12 1.41
CA ARG B 89 24.34 -17.90 0.81
C ARG B 89 25.64 -18.18 0.08
N LEU B 90 25.66 -17.74 -1.17
CA LEU B 90 26.77 -17.92 -2.06
C LEU B 90 27.28 -16.55 -2.51
N ASP B 91 28.54 -16.28 -2.15
CA ASP B 91 29.27 -15.09 -2.56
C ASP B 91 30.19 -15.44 -3.73
N CYS B 92 29.91 -14.83 -4.88
CA CYS B 92 30.55 -15.12 -6.15
C CYS B 92 31.51 -13.99 -6.55
N ALA B 93 32.70 -14.35 -7.06
CA ALA B 93 33.69 -13.40 -7.56
C ALA B 93 34.28 -13.86 -8.90
N HIS B 94 34.57 -12.88 -9.77
CA HIS B 94 35.24 -13.11 -11.05
C HIS B 94 36.27 -12.00 -11.28
N GLY B 95 37.46 -12.39 -11.73
CA GLY B 95 38.58 -11.49 -11.90
C GLY B 95 39.48 -11.49 -10.67
N GLU B 96 40.77 -11.25 -10.88
CA GLU B 96 41.79 -11.42 -9.84
C GLU B 96 41.50 -10.50 -8.65
N LYS B 97 40.85 -9.37 -8.92
CA LYS B 97 40.55 -8.38 -7.90
C LYS B 97 39.29 -8.74 -7.12
N ASP B 98 38.22 -9.12 -7.86
CA ASP B 98 36.99 -9.53 -7.21
C ASP B 98 37.26 -10.82 -6.43
N ILE B 99 38.10 -11.70 -7.00
CA ILE B 99 38.49 -12.94 -6.34
C ILE B 99 39.44 -12.64 -5.16
N ALA B 100 40.26 -11.59 -5.30
CA ALA B 100 41.21 -11.20 -4.28
C ALA B 100 40.48 -10.74 -3.02
N ASP B 101 39.43 -9.92 -3.22
CA ASP B 101 38.63 -9.39 -2.13
C ASP B 101 37.77 -10.48 -1.51
N LEU B 102 37.28 -11.42 -2.34
CA LEU B 102 36.53 -12.57 -1.87
C LEU B 102 37.41 -13.42 -0.95
N LYS B 103 38.72 -13.51 -1.23
CA LYS B 103 39.61 -14.27 -0.37
C LYS B 103 39.76 -13.53 0.96
N LYS B 104 39.87 -12.19 0.91
CA LYS B 104 39.83 -11.38 2.12
C LYS B 104 38.63 -11.75 2.99
N LEU B 105 37.42 -11.74 2.39
CA LEU B 105 36.20 -11.94 3.14
C LEU B 105 36.14 -13.32 3.77
N TYR B 106 36.59 -14.34 3.02
CA TYR B 106 36.59 -15.72 3.51
C TYR B 106 37.33 -15.78 4.84
N GLN B 107 38.48 -15.10 4.89
CA GLN B 107 39.38 -15.17 6.02
C GLN B 107 38.73 -14.54 7.25
N GLU B 108 38.08 -13.38 7.06
CA GLU B 108 37.40 -12.70 8.14
C GLU B 108 36.15 -13.49 8.56
N LEU B 109 35.46 -14.11 7.59
CA LEU B 109 34.14 -14.70 7.82
C LEU B 109 34.24 -16.10 8.41
N VAL B 110 35.30 -16.85 8.06
CA VAL B 110 35.44 -18.22 8.50
C VAL B 110 35.67 -18.24 10.02
N LYS B 111 36.25 -17.15 10.55
CA LYS B 111 36.40 -16.98 11.98
C LYS B 111 35.03 -16.97 12.67
N ILE B 112 34.07 -16.30 12.04
CA ILE B 112 32.77 -16.00 12.65
C ILE B 112 31.85 -17.22 12.57
N ILE B 113 31.66 -17.75 11.35
CA ILE B 113 30.71 -18.81 11.08
C ILE B 113 31.42 -19.92 10.32
N PRO B 114 30.76 -21.08 10.08
CA PRO B 114 31.21 -21.98 9.02
C PRO B 114 31.12 -21.30 7.65
N ALA B 115 32.08 -21.64 6.77
CA ALA B 115 32.11 -21.14 5.40
C ALA B 115 33.04 -22.03 4.58
N GLU B 116 32.76 -22.10 3.28
CA GLU B 116 33.24 -23.12 2.38
C GLU B 116 33.75 -22.39 1.14
N TRP B 117 35.08 -22.40 0.96
CA TRP B 117 35.67 -21.84 -0.23
C TRP B 117 35.43 -22.82 -1.39
N LEU B 118 34.91 -22.28 -2.50
CA LEU B 118 34.54 -23.07 -3.67
C LEU B 118 35.46 -22.66 -4.80
N ASP B 119 36.31 -23.61 -5.22
CA ASP B 119 37.44 -23.28 -6.09
C ASP B 119 37.15 -23.68 -7.53
N SER B 120 36.18 -24.58 -7.74
CA SER B 120 35.85 -25.08 -9.06
C SER B 120 34.44 -24.63 -9.42
N GLU B 121 34.11 -24.81 -10.70
CA GLU B 121 32.79 -24.43 -11.19
C GLU B 121 31.80 -25.53 -10.83
N ASP B 122 32.32 -26.74 -10.56
CA ASP B 122 31.50 -27.91 -10.24
C ASP B 122 31.01 -27.84 -8.79
N GLU B 123 31.88 -27.39 -7.88
CA GLU B 123 31.51 -27.22 -6.49
C GLU B 123 30.50 -26.06 -6.36
N ILE B 124 30.55 -25.14 -7.34
CA ILE B 124 29.65 -23.99 -7.32
C ILE B 124 28.28 -24.43 -7.83
N LEU B 125 28.25 -25.16 -8.95
CA LEU B 125 27.01 -25.60 -9.55
C LEU B 125 26.27 -26.59 -8.64
N LYS B 126 26.99 -27.26 -7.73
CA LYS B 126 26.36 -28.13 -6.74
C LYS B 126 25.74 -27.34 -5.58
N ARG B 127 26.21 -26.11 -5.35
CA ARG B 127 25.61 -25.21 -4.37
C ARG B 127 24.46 -24.42 -5.01
N MET B 128 24.55 -24.16 -6.33
CA MET B 128 23.53 -23.45 -7.07
C MET B 128 23.41 -24.00 -8.51
N PRO B 129 22.64 -25.11 -8.69
CA PRO B 129 22.45 -25.71 -10.02
C PRO B 129 21.71 -24.87 -11.06
N GLN B 130 21.14 -23.73 -10.66
CA GLN B 130 20.49 -22.82 -11.59
C GLN B 130 21.52 -22.16 -12.53
N LEU B 131 22.72 -21.84 -12.02
CA LEU B 131 23.80 -21.27 -12.81
C LEU B 131 24.22 -22.20 -13.95
N THR B 132 24.56 -21.63 -15.12
CA THR B 132 25.05 -22.39 -16.27
C THR B 132 26.58 -22.53 -16.18
N ARG B 133 27.13 -23.47 -16.94
CA ARG B 133 28.53 -23.86 -16.76
C ARG B 133 29.48 -22.80 -17.36
N ASP B 134 29.14 -22.27 -18.55
CA ASP B 134 29.99 -21.30 -19.25
C ASP B 134 29.86 -19.91 -18.62
N GLN B 135 28.66 -19.61 -18.09
CA GLN B 135 28.37 -18.38 -17.37
C GLN B 135 29.42 -18.18 -16.28
N ILE B 136 29.63 -19.23 -15.47
CA ILE B 136 30.45 -19.15 -14.27
C ILE B 136 31.91 -19.52 -14.53
N LYS B 137 32.34 -19.51 -15.80
CA LYS B 137 33.73 -19.75 -16.14
C LYS B 137 34.60 -18.70 -15.43
N GLY B 138 35.60 -19.18 -14.67
CA GLY B 138 36.54 -18.32 -13.94
C GLY B 138 36.09 -18.01 -12.51
N TRP B 139 34.78 -18.18 -12.22
CA TRP B 139 34.18 -17.74 -10.96
C TRP B 139 34.76 -18.52 -9.78
N LYS B 140 34.93 -17.83 -8.65
CA LYS B 140 35.11 -18.46 -7.35
C LYS B 140 33.87 -18.16 -6.51
N ALA B 141 33.78 -18.70 -5.30
CA ALA B 141 32.60 -18.54 -4.47
C ALA B 141 32.92 -18.90 -3.03
N ILE B 142 32.25 -18.21 -2.08
CA ILE B 142 32.09 -18.73 -0.73
C ILE B 142 30.66 -19.26 -0.56
N PHE B 143 30.55 -20.50 -0.09
CA PHE B 143 29.25 -20.93 0.35
C PHE B 143 29.18 -20.88 1.87
N MET B 144 28.07 -20.33 2.41
CA MET B 144 27.78 -20.42 3.83
C MET B 144 26.35 -20.91 4.01
N GLU B 145 26.17 -21.88 4.92
CA GLU B 145 24.87 -22.44 5.23
C GLU B 145 24.02 -21.35 5.88
N ASP B 146 24.68 -20.43 6.60
CA ASP B 146 23.99 -19.40 7.34
C ASP B 146 23.77 -18.21 6.43
N GLY B 147 22.51 -17.97 6.09
CA GLY B 147 22.12 -16.89 5.19
C GLY B 147 20.75 -17.15 4.59
N GLY B 148 20.05 -16.09 4.26
CA GLY B 148 18.76 -16.21 3.62
C GLY B 148 18.12 -14.84 3.44
N TRP B 149 16.79 -14.81 3.32
CA TRP B 149 16.06 -13.56 3.14
C TRP B 149 15.07 -13.36 4.30
N LEU B 150 14.66 -12.09 4.45
CA LEU B 150 13.76 -11.67 5.50
C LEU B 150 12.50 -11.10 4.89
N ALA B 151 11.33 -11.53 5.36
CA ALA B 151 10.05 -10.91 5.01
C ALA B 151 9.93 -9.59 5.80
N ALA B 152 10.59 -8.54 5.33
CA ALA B 152 10.87 -7.37 6.14
C ALA B 152 9.58 -6.68 6.62
N ALA B 153 8.67 -6.43 5.68
CA ALA B 153 7.43 -5.73 5.96
C ALA B 153 6.63 -6.49 7.01
N LYS B 154 6.59 -7.80 6.80
CA LYS B 154 5.78 -8.68 7.62
C LYS B 154 6.28 -8.71 9.06
N ALA B 155 7.61 -8.67 9.25
CA ALA B 155 8.23 -8.65 10.58
C ALA B 155 7.86 -7.37 11.34
N ILE B 156 8.01 -6.22 10.68
CA ILE B 156 7.60 -4.96 11.28
C ILE B 156 6.11 -4.94 11.58
N LYS B 157 5.29 -5.45 10.66
CA LYS B 157 3.86 -5.55 10.88
C LYS B 157 3.62 -6.39 12.12
N ALA B 158 4.31 -7.54 12.22
CA ALA B 158 4.22 -8.37 13.42
C ALA B 158 4.60 -7.57 14.67
N ILE B 159 5.67 -6.78 14.62
CA ILE B 159 6.03 -6.00 15.80
C ILE B 159 4.85 -5.09 16.13
N GLY B 160 4.27 -4.48 15.08
CA GLY B 160 3.22 -3.49 15.32
C GLY B 160 1.96 -4.09 15.98
N GLU B 161 1.63 -5.33 15.58
CA GLU B 161 0.43 -5.98 16.08
C GLU B 161 0.63 -6.34 17.55
N TYR B 162 1.84 -6.80 17.87
CA TYR B 162 2.21 -7.13 19.24
C TYR B 162 2.18 -5.87 20.11
N LEU B 163 2.78 -4.77 19.62
CA LEU B 163 2.76 -3.52 20.34
C LEU B 163 1.32 -3.06 20.60
N ARG B 164 0.45 -3.23 19.59
CA ARG B 164 -0.95 -2.85 19.71
C ARG B 164 -1.60 -3.70 20.80
N ASP B 165 -1.39 -5.01 20.74
CA ASP B 165 -1.95 -5.94 21.72
C ASP B 165 -1.50 -5.58 23.14
N GLN B 166 -0.22 -5.20 23.31
CA GLN B 166 0.32 -4.90 24.62
C GLN B 166 -0.23 -3.58 25.18
N GLY B 167 -0.77 -2.70 24.34
CA GLY B 167 -1.31 -1.44 24.81
C GLY B 167 -0.41 -0.24 24.52
N VAL B 168 0.51 -0.38 23.56
CA VAL B 168 1.36 0.74 23.18
C VAL B 168 0.47 1.83 22.57
N ARG B 169 0.79 3.09 22.87
CA ARG B 169 0.06 4.24 22.32
C ARG B 169 0.65 4.57 20.94
N PHE B 170 -0.23 4.96 20.04
CA PHE B 170 0.18 5.27 18.67
C PHE B 170 -0.33 6.64 18.25
N GLY B 171 0.47 7.35 17.48
CA GLY B 171 0.00 8.52 16.74
C GLY B 171 0.59 8.58 15.34
N PHE B 172 -0.26 8.81 14.33
CA PHE B 172 0.13 8.78 12.93
C PHE B 172 -0.41 10.00 12.22
N TYR B 173 0.08 10.23 11.00
CA TYR B 173 -0.30 11.39 10.21
C TYR B 173 0.12 12.66 10.98
N GLY B 174 -0.77 13.67 11.01
CA GLY B 174 -0.46 14.91 11.68
C GLY B 174 -0.22 14.71 13.18
N ALA B 175 -0.81 13.67 13.76
CA ALA B 175 -0.66 13.39 15.17
C ALA B 175 0.63 12.58 15.43
N GLY B 176 1.34 12.20 14.36
CA GLY B 176 2.54 11.39 14.48
C GLY B 176 3.78 12.01 13.85
N SER B 177 3.62 13.03 13.01
CA SER B 177 4.73 13.60 12.27
C SER B 177 5.48 14.60 13.13
N PHE B 178 6.75 14.30 13.43
CA PHE B 178 7.52 15.13 14.34
C PHE B 178 7.73 16.54 13.75
N LYS B 179 7.48 17.56 14.57
CA LYS B 179 7.89 18.92 14.25
C LYS B 179 9.12 19.28 15.08
N GLN B 180 9.07 19.05 16.39
CA GLN B 180 10.14 19.54 17.25
C GLN B 180 10.14 18.81 18.57
N PRO B 181 11.30 18.73 19.24
CA PRO B 181 11.33 18.29 20.62
C PRO B 181 10.71 19.40 21.46
N LEU B 182 10.13 19.02 22.59
CA LEU B 182 9.81 19.96 23.65
C LEU B 182 10.97 19.95 24.65
N LEU B 183 11.50 21.16 24.86
CA LEU B 183 12.65 21.41 25.69
C LEU B 183 12.25 22.30 26.88
N ALA B 184 12.85 22.05 28.03
CA ALA B 184 12.70 22.94 29.16
C ALA B 184 14.04 22.95 29.88
N GLU B 185 14.84 23.99 29.61
CA GLU B 185 16.10 24.21 30.29
C GLU B 185 17.09 23.15 29.80
N GLY B 186 17.08 22.88 28.50
CA GLY B 186 18.05 21.97 27.91
C GLY B 186 17.75 20.50 28.20
N VAL B 187 16.57 20.22 28.77
CA VAL B 187 16.05 18.87 28.98
C VAL B 187 14.86 18.64 28.04
N CYS B 188 14.86 17.53 27.29
CA CYS B 188 13.79 17.22 26.38
C CYS B 188 12.72 16.53 27.19
N ILE B 189 11.47 16.98 27.01
CA ILE B 189 10.36 16.52 27.85
C ILE B 189 9.21 16.00 26.97
N GLY B 190 9.42 15.94 25.67
CA GLY B 190 8.38 15.44 24.83
C GLY B 190 8.60 15.92 23.41
N VAL B 191 7.52 15.84 22.64
CA VAL B 191 7.57 16.05 21.22
C VAL B 191 6.32 16.82 20.86
N GLU B 192 6.47 17.70 19.87
CA GLU B 192 5.32 18.24 19.20
C GLU B 192 5.28 17.70 17.77
N THR B 193 4.08 17.31 17.35
CA THR B 193 3.84 16.88 15.98
C THR B 193 3.33 18.07 15.16
N VAL B 194 3.31 17.91 13.83
CA VAL B 194 2.99 19.01 12.96
C VAL B 194 1.54 19.50 13.16
N ASP B 195 0.65 18.68 13.74
CA ASP B 195 -0.71 19.09 13.99
C ASP B 195 -0.83 19.85 15.32
N GLY B 196 0.27 19.97 16.05
CA GLY B 196 0.31 20.78 17.23
C GLY B 196 0.18 19.93 18.48
N THR B 197 0.00 18.62 18.33
CA THR B 197 -0.16 17.74 19.49
C THR B 197 1.17 17.71 20.27
N ARG B 198 1.06 17.80 21.59
CA ARG B 198 2.23 17.83 22.46
C ARG B 198 2.22 16.53 23.23
N TYR B 199 3.33 15.78 23.13
CA TYR B 199 3.44 14.52 23.84
C TYR B 199 4.54 14.66 24.88
N TYR B 200 4.25 14.28 26.13
CA TYR B 200 5.19 14.45 27.23
C TYR B 200 5.65 13.07 27.68
N ALA B 201 6.96 12.93 27.79
CA ALA B 201 7.58 11.69 28.18
C ALA B 201 8.91 12.04 28.84
N ASP B 202 9.49 11.05 29.53
CA ASP B 202 10.80 11.19 30.15
C ASP B 202 11.91 11.10 29.11
N LYS B 203 11.69 10.23 28.10
CA LYS B 203 12.73 10.04 27.11
C LYS B 203 12.11 10.03 25.72
N VAL B 204 12.88 10.52 24.75
CA VAL B 204 12.47 10.58 23.35
C VAL B 204 13.58 9.98 22.52
N VAL B 205 13.18 9.16 21.55
CA VAL B 205 14.06 8.52 20.60
C VAL B 205 13.68 8.93 19.19
N LEU B 206 14.66 9.49 18.49
CA LEU B 206 14.49 9.80 17.09
C LEU B 206 15.03 8.67 16.20
N ALA B 207 14.13 7.85 15.72
CA ALA B 207 14.50 6.76 14.86
C ALA B 207 13.75 6.93 13.55
N ALA B 208 14.01 8.10 12.92
CA ALA B 208 13.28 8.54 11.75
C ALA B 208 13.98 8.19 10.44
N GLY B 209 14.99 7.30 10.50
CA GLY B 209 15.59 6.78 9.28
C GLY B 209 16.24 7.92 8.48
N ALA B 210 15.98 7.92 7.17
CA ALA B 210 16.57 8.87 6.26
C ALA B 210 16.03 10.28 6.52
N TRP B 211 15.00 10.38 7.34
CA TRP B 211 14.40 11.66 7.62
C TRP B 211 15.05 12.28 8.86
N SER B 212 15.84 11.50 9.64
CA SER B 212 16.42 11.97 10.88
C SER B 212 17.21 13.28 10.62
N PRO B 213 18.12 13.38 9.63
CA PRO B 213 18.86 14.63 9.40
C PRO B 213 18.04 15.81 8.90
N THR B 214 16.82 15.51 8.45
CA THR B 214 15.89 16.51 7.99
C THR B 214 15.04 17.05 9.14
N LEU B 215 14.88 16.30 10.25
CA LEU B 215 14.03 16.72 11.34
C LEU B 215 14.84 17.43 12.42
N VAL B 216 16.06 16.99 12.68
CA VAL B 216 16.89 17.70 13.64
C VAL B 216 18.27 17.82 13.02
N GLU B 217 19.05 18.80 13.51
CA GLU B 217 20.35 19.16 13.00
C GLU B 217 21.37 18.08 13.38
N LEU B 218 22.01 17.48 12.36
CA LEU B 218 22.91 16.36 12.63
C LEU B 218 24.35 16.68 12.17
N GLN B 219 24.59 17.93 11.73
CA GLN B 219 25.93 18.42 11.38
C GLN B 219 26.58 17.50 10.38
N GLU B 220 25.75 17.01 9.46
CA GLU B 220 26.16 16.18 8.33
C GLU B 220 26.80 14.86 8.76
N GLN B 221 26.53 14.42 9.98
CA GLN B 221 26.97 13.09 10.40
C GLN B 221 26.24 12.00 9.58
N CYS B 222 24.98 12.28 9.19
CA CYS B 222 24.16 11.38 8.40
C CYS B 222 23.81 12.08 7.10
N VAL B 223 23.98 11.41 5.95
CA VAL B 223 23.52 11.93 4.68
C VAL B 223 22.58 10.92 4.05
N SER B 224 21.36 11.36 3.71
CA SER B 224 20.33 10.46 3.24
C SER B 224 20.50 10.24 1.74
N LYS B 225 20.41 8.97 1.33
CA LYS B 225 20.64 8.56 -0.04
C LYS B 225 19.53 7.62 -0.50
N ALA B 226 19.15 7.73 -1.78
CA ALA B 226 18.21 6.82 -2.38
C ALA B 226 18.93 5.63 -2.99
N TRP B 227 18.28 4.49 -2.81
CA TRP B 227 18.75 3.20 -3.27
C TRP B 227 17.71 2.65 -4.20
N VAL B 228 18.02 2.53 -5.48
CA VAL B 228 16.96 2.10 -6.37
C VAL B 228 16.96 0.58 -6.49
N TYR B 229 15.75 0.07 -6.78
CA TYR B 229 15.55 -1.32 -7.09
C TYR B 229 14.44 -1.42 -8.14
N GLY B 230 14.33 -2.59 -8.77
CA GLY B 230 13.15 -2.91 -9.56
C GLY B 230 12.85 -4.40 -9.53
N HIS B 231 11.93 -4.80 -10.40
CA HIS B 231 11.37 -6.13 -10.44
C HIS B 231 11.43 -6.70 -11.85
N ILE B 232 11.68 -8.00 -11.92
CA ILE B 232 11.41 -8.77 -13.12
C ILE B 232 10.42 -9.87 -12.73
N GLN B 233 9.62 -10.30 -13.71
CA GLN B 233 8.60 -11.31 -13.49
C GLN B 233 8.96 -12.55 -14.32
N LEU B 234 8.98 -13.71 -13.66
CA LEU B 234 9.23 -14.98 -14.30
C LEU B 234 7.91 -15.73 -14.45
N THR B 235 7.76 -16.49 -15.55
CA THR B 235 6.65 -17.42 -15.67
C THR B 235 6.74 -18.45 -14.54
N PRO B 236 5.65 -19.16 -14.25
CA PRO B 236 5.69 -20.18 -13.19
C PRO B 236 6.75 -21.25 -13.42
N GLU B 237 7.04 -21.58 -14.70
CA GLU B 237 7.97 -22.65 -15.04
C GLU B 237 9.40 -22.13 -15.04
N GLU B 238 9.61 -20.84 -15.34
CA GLU B 238 10.88 -20.18 -15.10
C GLU B 238 11.16 -20.08 -13.59
N ALA B 239 10.12 -19.84 -12.78
CA ALA B 239 10.18 -19.72 -11.34
C ALA B 239 10.59 -21.02 -10.62
N ALA B 240 10.04 -22.16 -11.06
CA ALA B 240 10.22 -23.43 -10.37
C ALA B 240 11.68 -23.90 -10.47
N ARG B 241 12.36 -23.48 -11.55
CA ARG B 241 13.79 -23.72 -11.75
C ARG B 241 14.63 -23.12 -10.62
N TYR B 242 14.19 -22.01 -10.00
CA TYR B 242 14.91 -21.35 -8.92
C TYR B 242 14.39 -21.76 -7.54
N LYS B 243 13.60 -22.85 -7.49
CA LYS B 243 13.24 -23.40 -6.19
C LYS B 243 14.55 -23.75 -5.48
N ASN B 244 14.64 -23.45 -4.18
CA ASN B 244 15.70 -23.98 -3.34
C ASN B 244 17.05 -23.28 -3.58
N SER B 245 17.01 -22.17 -4.33
CA SER B 245 18.16 -21.33 -4.61
C SER B 245 18.64 -20.67 -3.31
N PRO B 246 19.96 -20.43 -3.13
CA PRO B 246 20.46 -19.54 -2.08
C PRO B 246 20.51 -18.06 -2.45
N VAL B 247 20.78 -17.21 -1.44
CA VAL B 247 21.05 -15.81 -1.70
C VAL B 247 22.45 -15.73 -2.28
N VAL B 248 22.65 -14.77 -3.19
CA VAL B 248 23.87 -14.64 -3.95
C VAL B 248 24.47 -13.25 -3.70
N TYR B 249 25.79 -13.16 -3.48
CA TYR B 249 26.49 -11.88 -3.37
C TYR B 249 27.51 -11.73 -4.51
N ASN B 250 27.45 -10.59 -5.20
CA ASN B 250 28.62 -10.09 -5.93
C ASN B 250 29.30 -9.05 -5.05
N GLY B 251 30.38 -9.48 -4.38
CA GLY B 251 31.10 -8.66 -3.42
C GLY B 251 30.20 -8.18 -2.27
N ASP B 252 29.72 -6.94 -2.40
CA ASP B 252 28.98 -6.27 -1.34
C ASP B 252 27.48 -6.54 -1.52
N VAL B 253 27.02 -6.71 -2.78
CA VAL B 253 25.60 -6.68 -3.10
C VAL B 253 25.00 -8.11 -3.01
N GLY B 254 23.91 -8.25 -2.24
CA GLY B 254 23.13 -9.49 -2.22
C GLY B 254 22.01 -9.50 -3.27
N PHE B 255 21.59 -10.72 -3.68
CA PHE B 255 20.45 -10.97 -4.57
C PHE B 255 19.71 -12.22 -4.10
N PHE B 256 18.42 -12.31 -4.43
CA PHE B 256 17.62 -13.52 -4.22
C PHE B 256 16.78 -13.75 -5.47
N PHE B 257 17.08 -14.85 -6.17
CA PHE B 257 16.57 -15.06 -7.52
C PHE B 257 15.41 -16.05 -7.50
N GLU B 258 14.90 -16.45 -6.33
CA GLU B 258 13.69 -17.28 -6.25
C GLU B 258 12.43 -16.39 -6.17
N PRO B 259 11.53 -16.46 -7.18
CA PRO B 259 10.38 -15.57 -7.23
C PRO B 259 9.39 -15.81 -6.09
N ASN B 260 8.70 -14.75 -5.71
CA ASN B 260 7.58 -14.84 -4.80
C ASN B 260 6.42 -15.50 -5.52
N GLU B 261 5.24 -15.45 -4.88
CA GLU B 261 4.06 -16.15 -5.35
C GLU B 261 3.68 -15.64 -6.74
N HIS B 262 3.95 -14.36 -7.06
CA HIS B 262 3.53 -13.83 -8.36
C HIS B 262 4.64 -13.85 -9.41
N GLY B 263 5.74 -14.58 -9.14
CA GLY B 263 6.83 -14.72 -10.09
C GLY B 263 7.86 -13.57 -10.04
N ILE B 264 7.70 -12.63 -9.10
CA ILE B 264 8.50 -11.42 -9.00
C ILE B 264 9.84 -11.72 -8.35
N ILE B 265 10.90 -11.15 -8.91
CA ILE B 265 12.21 -11.11 -8.28
C ILE B 265 12.52 -9.62 -8.09
N LYS B 266 12.91 -9.24 -6.88
CA LYS B 266 13.34 -7.88 -6.67
C LYS B 266 14.84 -7.89 -6.91
N VAL B 267 15.34 -6.91 -7.67
CA VAL B 267 16.75 -6.76 -7.91
C VAL B 267 17.16 -5.34 -7.53
N CYS B 268 18.17 -5.24 -6.66
CA CYS B 268 18.60 -3.96 -6.13
C CYS B 268 19.73 -3.38 -6.98
N ASP B 269 19.80 -2.05 -7.06
CA ASP B 269 21.01 -1.33 -7.47
C ASP B 269 22.14 -1.62 -6.50
N GLU B 270 23.37 -1.30 -6.90
CA GLU B 270 24.55 -1.80 -6.19
C GLU B 270 24.75 -1.09 -4.86
N PHE B 271 24.13 0.08 -4.70
CA PHE B 271 24.30 0.87 -3.50
C PHE B 271 23.24 1.97 -3.52
N PRO B 272 23.03 2.67 -2.38
CA PRO B 272 22.36 3.98 -2.38
C PRO B 272 23.16 4.94 -3.29
N GLY B 273 22.52 5.36 -4.40
CA GLY B 273 23.26 6.01 -5.47
C GLY B 273 22.99 7.51 -5.58
N PHE B 274 22.05 8.05 -4.77
CA PHE B 274 21.51 9.36 -5.09
C PHE B 274 21.14 10.13 -3.82
N THR B 275 21.45 11.44 -3.84
CA THR B 275 21.02 12.40 -2.84
C THR B 275 19.90 13.23 -3.47
N ARG B 276 19.10 13.89 -2.62
CA ARG B 276 18.16 14.89 -3.09
C ARG B 276 18.43 16.19 -2.30
N PHE B 277 19.54 16.84 -2.60
CA PHE B 277 19.92 18.05 -1.88
C PHE B 277 18.84 19.10 -2.06
N LYS B 278 18.48 19.74 -0.94
CA LYS B 278 17.43 20.73 -0.92
C LYS B 278 17.71 21.60 0.30
N MET B 279 17.44 22.91 0.17
CA MET B 279 17.54 23.83 1.29
C MET B 279 16.44 23.48 2.29
N HIS B 280 16.81 23.27 3.56
CA HIS B 280 15.87 22.75 4.53
C HIS B 280 16.33 23.17 5.92
N GLN B 281 15.38 23.31 6.83
CA GLN B 281 15.70 23.77 8.18
C GLN B 281 15.22 22.74 9.21
N PRO B 282 16.09 21.77 9.60
CA PRO B 282 15.80 20.93 10.76
C PRO B 282 15.70 21.77 12.04
N PHE B 283 14.88 21.33 12.97
CA PHE B 283 14.94 21.86 14.32
C PHE B 283 16.39 21.85 14.83
N GLY B 284 16.81 22.99 15.40
CA GLY B 284 18.14 23.14 15.98
C GLY B 284 19.15 23.69 14.97
N ALA B 285 18.76 23.89 13.70
CA ALA B 285 19.58 24.64 12.75
C ALA B 285 19.16 26.11 12.76
N LYS B 286 20.11 27.01 13.01
CA LYS B 286 19.77 28.43 13.06
CA LYS B 286 19.85 28.45 13.04
C LYS B 286 19.22 28.88 11.71
N ALA B 287 19.77 28.36 10.61
CA ALA B 287 19.23 28.70 9.31
C ALA B 287 19.10 27.48 8.40
N PRO B 288 18.30 27.59 7.32
CA PRO B 288 18.30 26.62 6.22
C PRO B 288 19.68 26.26 5.67
N LYS B 289 19.82 25.00 5.24
CA LYS B 289 21.07 24.58 4.64
C LYS B 289 20.78 23.47 3.65
N ARG B 290 21.76 23.18 2.80
N ARG B 290 21.77 23.17 2.78
CA ARG B 290 21.58 22.22 1.72
CA ARG B 290 21.60 22.19 1.73
C ARG B 290 21.71 20.83 2.31
C ARG B 290 21.72 20.80 2.34
N ILE B 291 20.57 20.13 2.49
CA ILE B 291 20.65 18.76 2.96
CA ILE B 291 20.40 18.80 3.10
C ILE B 291 19.84 17.84 2.05
N SER B 292 20.24 16.57 2.09
CA SER B 292 19.64 15.55 1.26
C SER B 292 18.34 15.14 1.92
N VAL B 293 17.24 15.37 1.22
CA VAL B 293 15.92 15.22 1.81
C VAL B 293 15.20 14.14 1.03
N PRO B 294 14.86 12.99 1.67
CA PRO B 294 14.09 11.95 1.00
C PRO B 294 12.81 12.44 0.32
N ARG B 295 12.44 11.72 -0.74
CA ARG B 295 11.20 11.93 -1.47
C ARG B 295 10.30 10.74 -1.17
N SER B 296 9.28 10.97 -0.32
CA SER B 296 8.45 9.91 0.23
C SER B 296 7.92 8.97 -0.87
N HIS B 297 7.85 7.67 -0.55
CA HIS B 297 7.32 6.66 -1.48
C HIS B 297 5.79 6.63 -1.40
N CYS B 298 5.23 6.92 -0.22
CA CYS B 298 3.79 7.02 -0.07
C CYS B 298 3.25 8.04 -1.07
N LYS B 299 3.89 9.20 -1.14
CA LYS B 299 3.45 10.29 -2.00
C LYS B 299 3.86 10.05 -3.45
N HIS B 300 5.12 9.66 -3.68
CA HIS B 300 5.70 9.63 -5.02
C HIS B 300 6.33 8.27 -5.29
N PRO B 301 5.50 7.23 -5.57
CA PRO B 301 5.97 5.96 -6.13
C PRO B 301 6.21 6.13 -7.63
N THR B 302 5.57 7.17 -8.19
CA THR B 302 5.85 7.71 -9.51
C THR B 302 6.99 8.72 -9.40
N ASP B 303 8.24 8.22 -9.47
CA ASP B 303 9.43 9.04 -9.36
C ASP B 303 10.45 8.63 -10.44
N THR B 304 11.08 9.65 -11.06
CA THR B 304 12.00 9.47 -12.17
C THR B 304 13.27 8.75 -11.71
N ILE B 305 13.34 7.43 -11.95
CA ILE B 305 14.48 6.58 -11.64
C ILE B 305 15.63 6.94 -12.58
N PRO B 306 16.92 6.96 -12.13
CA PRO B 306 18.03 7.17 -13.06
C PRO B 306 18.38 5.94 -13.89
N ASP B 307 18.51 6.17 -15.21
CA ASP B 307 18.93 5.10 -16.08
C ASP B 307 20.22 4.44 -15.63
N ALA B 308 21.15 5.18 -15.04
CA ALA B 308 22.35 4.56 -14.52
C ALA B 308 21.97 3.39 -13.60
N SER B 309 20.95 3.57 -12.77
CA SER B 309 20.58 2.51 -11.85
C SER B 309 20.08 1.32 -12.63
N ILE B 310 19.21 1.63 -13.61
CA ILE B 310 18.58 0.61 -14.43
C ILE B 310 19.64 -0.18 -15.17
N VAL B 311 20.73 0.49 -15.53
CA VAL B 311 21.85 -0.16 -16.19
C VAL B 311 22.53 -1.12 -15.22
N ARG B 312 22.85 -0.69 -14.00
CA ARG B 312 23.63 -1.57 -13.15
C ARG B 312 22.80 -2.80 -12.79
N ILE B 313 21.47 -2.58 -12.61
CA ILE B 313 20.53 -3.66 -12.32
C ILE B 313 20.48 -4.67 -13.47
N ARG B 314 20.38 -4.18 -14.72
CA ARG B 314 20.39 -5.05 -15.88
C ARG B 314 21.65 -5.90 -15.88
N ARG B 315 22.78 -5.24 -15.61
CA ARG B 315 24.08 -5.87 -15.65
C ARG B 315 24.14 -7.00 -14.61
N ALA B 316 23.54 -6.80 -13.43
CA ALA B 316 23.49 -7.88 -12.45
C ALA B 316 22.47 -8.97 -12.84
N ILE B 317 21.37 -8.61 -13.50
CA ILE B 317 20.49 -9.62 -14.06
C ILE B 317 21.27 -10.43 -15.11
N ALA B 318 21.97 -9.73 -16.00
CA ALA B 318 22.76 -10.39 -17.04
C ALA B 318 23.75 -11.39 -16.46
N THR B 319 24.47 -10.96 -15.40
CA THR B 319 25.52 -11.75 -14.76
C THR B 319 24.99 -13.09 -14.28
N PHE B 320 23.89 -13.03 -13.51
CA PHE B 320 23.42 -14.17 -12.72
C PHE B 320 22.26 -14.87 -13.39
N MET B 321 21.50 -14.19 -14.25
CA MET B 321 20.45 -14.84 -15.00
C MET B 321 20.51 -14.37 -16.45
N PRO B 322 21.57 -14.70 -17.22
CA PRO B 322 21.64 -14.33 -18.64
C PRO B 322 20.39 -14.64 -19.47
N GLN B 323 19.69 -15.73 -19.18
CA GLN B 323 18.52 -16.08 -19.96
C GLN B 323 17.38 -15.09 -19.71
N PHE B 324 17.50 -14.20 -18.70
CA PHE B 324 16.44 -13.29 -18.32
C PHE B 324 16.83 -11.84 -18.58
N LYS B 325 17.77 -11.66 -19.52
CA LYS B 325 18.35 -10.36 -19.77
C LYS B 325 17.33 -9.48 -20.49
N ASN B 326 16.36 -10.07 -21.18
CA ASN B 326 15.36 -9.32 -21.93
C ASN B 326 14.09 -9.08 -21.11
N LYS B 327 14.06 -9.47 -19.82
CA LYS B 327 12.85 -9.25 -19.03
C LYS B 327 12.77 -7.76 -18.68
N PRO B 328 11.58 -7.12 -18.85
CA PRO B 328 11.41 -5.72 -18.52
C PRO B 328 11.51 -5.54 -17.00
N LEU B 329 12.20 -4.48 -16.62
CA LEU B 329 12.37 -4.10 -15.23
C LEU B 329 11.25 -3.14 -14.89
N PHE B 330 10.32 -3.57 -14.04
CA PHE B 330 9.13 -2.78 -13.72
C PHE B 330 8.96 -2.63 -12.20
N ASN B 331 8.03 -1.75 -11.79
CA ASN B 331 7.86 -1.31 -10.41
C ASN B 331 9.23 -0.90 -9.88
N GLN B 332 9.89 -0.01 -10.63
CA GLN B 332 11.14 0.56 -10.17
C GLN B 332 10.79 1.56 -9.08
N ALA B 333 11.56 1.54 -8.01
CA ALA B 333 11.26 2.38 -6.88
C ALA B 333 12.55 2.72 -6.19
N MET B 334 12.43 3.63 -5.23
CA MET B 334 13.59 4.08 -4.45
C MET B 334 13.25 3.91 -2.98
N CYS B 335 14.25 3.46 -2.29
CA CYS B 335 14.20 3.21 -0.88
C CYS B 335 15.30 4.09 -0.28
N TRP B 336 14.99 4.82 0.80
CA TRP B 336 15.94 5.80 1.33
C TRP B 336 16.61 5.28 2.60
N CYS B 337 17.91 5.51 2.71
N CYS B 337 17.92 5.55 2.69
CA CYS B 337 18.67 5.21 3.91
CA CYS B 337 18.78 5.21 3.82
C CYS B 337 19.47 6.45 4.29
C CYS B 337 19.74 6.35 4.13
N THR B 338 20.28 6.36 5.36
CA THR B 338 21.11 7.48 5.81
C THR B 338 22.48 6.96 6.22
N ASP B 339 23.53 7.37 5.48
CA ASP B 339 24.91 6.94 5.70
C ASP B 339 25.63 7.86 6.66
N THR B 340 26.32 7.25 7.63
CA THR B 340 27.40 7.92 8.32
C THR B 340 28.66 7.82 7.45
N ALA B 341 29.70 8.56 7.82
CA ALA B 341 30.98 8.51 7.10
C ALA B 341 31.58 7.11 7.19
N ASP B 342 31.56 6.55 8.41
CA ASP B 342 32.19 5.27 8.68
C ASP B 342 31.23 4.08 8.53
N GLY B 343 29.92 4.29 8.35
CA GLY B 343 29.00 3.20 8.07
C GLY B 343 28.42 2.58 9.34
N HIS B 344 28.87 3.05 10.51
CA HIS B 344 28.34 2.66 11.79
C HIS B 344 27.08 3.43 12.12
N LEU B 345 26.33 2.91 13.09
CA LEU B 345 25.06 3.54 13.46
C LEU B 345 25.38 4.83 14.23
N LEU B 346 24.35 5.68 14.32
CA LEU B 346 24.33 6.85 15.19
C LEU B 346 23.29 6.60 16.25
N ILE B 347 23.74 6.15 17.40
CA ILE B 347 22.83 5.83 18.49
C ILE B 347 23.41 6.47 19.74
N CYS B 348 22.90 7.66 20.11
CA CYS B 348 23.52 8.45 21.15
C CYS B 348 22.52 9.45 21.73
N GLU B 349 22.76 9.87 22.98
CA GLU B 349 22.07 11.03 23.51
C GLU B 349 22.46 12.27 22.72
N HIS B 350 21.49 13.17 22.51
CA HIS B 350 21.80 14.46 21.93
C HIS B 350 22.70 15.24 22.90
N PRO B 351 23.78 15.92 22.42
CA PRO B 351 24.72 16.59 23.33
C PRO B 351 24.16 17.81 24.07
N GLU B 352 23.09 18.44 23.53
CA GLU B 352 22.44 19.56 24.20
C GLU B 352 21.08 19.17 24.77
N TRP B 353 20.24 18.41 24.03
CA TRP B 353 18.90 18.10 24.49
C TRP B 353 18.91 16.83 25.33
N LYS B 354 19.01 16.98 26.65
CA LYS B 354 19.04 15.81 27.51
C LYS B 354 17.73 15.02 27.36
N ASN B 355 17.89 13.68 27.37
CA ASN B 355 16.85 12.67 27.28
C ASN B 355 16.22 12.60 25.90
N PHE B 356 16.85 13.28 24.92
CA PHE B 356 16.56 13.14 23.51
C PHE B 356 17.68 12.30 22.88
N TYR B 357 17.30 11.19 22.23
CA TYR B 357 18.25 10.22 21.73
C TYR B 357 18.10 9.97 20.23
N LEU B 358 19.23 9.92 19.55
CA LEU B 358 19.34 9.61 18.14
C LEU B 358 19.44 8.10 18.03
N ALA B 359 18.77 7.54 17.03
CA ALA B 359 18.81 6.11 16.76
C ALA B 359 18.57 5.95 15.27
N THR B 360 19.64 6.18 14.55
CA THR B 360 19.63 6.33 13.11
C THR B 360 21.03 5.97 12.61
N GLY B 361 21.39 6.47 11.42
CA GLY B 361 22.66 6.15 10.80
C GLY B 361 22.68 4.72 10.26
N ASP B 362 21.51 4.26 9.78
CA ASP B 362 21.30 2.89 9.34
C ASP B 362 22.35 2.46 8.31
N SER B 363 22.82 3.42 7.48
CA SER B 363 23.88 3.24 6.50
C SER B 363 23.54 2.19 5.43
N GLY B 364 22.23 1.96 5.22
CA GLY B 364 21.76 1.05 4.20
C GLY B 364 22.00 -0.43 4.52
N HIS B 365 22.17 -0.81 5.80
CA HIS B 365 22.41 -2.22 6.11
C HIS B 365 22.01 -2.59 7.53
N SER B 366 20.82 -2.15 7.98
CA SER B 366 20.40 -2.32 9.36
C SER B 366 19.04 -3.00 9.47
N PHE B 367 18.47 -3.44 8.35
CA PHE B 367 17.21 -4.15 8.45
C PHE B 367 17.44 -5.46 9.21
N LYS B 368 18.64 -6.02 9.03
CA LYS B 368 18.98 -7.30 9.64
C LYS B 368 19.09 -7.19 11.16
N LEU B 369 19.23 -5.96 11.70
CA LEU B 369 19.29 -5.74 13.13
C LEU B 369 17.89 -5.61 13.73
N LEU B 370 16.83 -5.60 12.91
CA LEU B 370 15.48 -5.44 13.45
C LEU B 370 15.25 -6.20 14.77
N PRO B 371 15.58 -7.51 14.92
CA PRO B 371 15.26 -8.21 16.18
C PRO B 371 15.92 -7.66 17.43
N ILE B 372 17.16 -7.13 17.26
CA ILE B 372 18.09 -6.89 18.35
C ILE B 372 18.35 -5.38 18.59
N ILE B 373 18.19 -4.52 17.57
CA ILE B 373 18.78 -3.18 17.70
C ILE B 373 18.15 -2.41 18.85
N GLY B 374 16.82 -2.48 19.02
CA GLY B 374 16.12 -1.84 20.11
C GLY B 374 16.62 -2.17 21.52
N LYS B 375 17.21 -3.34 21.71
CA LYS B 375 17.75 -3.69 23.02
C LYS B 375 18.84 -2.69 23.41
N TYR B 376 19.64 -2.29 22.41
CA TYR B 376 20.82 -1.47 22.60
C TYR B 376 20.40 0.00 22.71
N VAL B 377 19.28 0.37 22.07
CA VAL B 377 18.69 1.68 22.26
C VAL B 377 18.15 1.83 23.70
N VAL B 378 17.48 0.79 24.23
CA VAL B 378 16.96 0.82 25.58
C VAL B 378 18.15 0.94 26.55
N GLU B 379 19.23 0.17 26.32
CA GLU B 379 20.41 0.27 27.17
C GLU B 379 21.01 1.68 27.13
N LEU B 380 21.13 2.27 25.93
CA LEU B 380 21.43 3.69 25.82
C LEU B 380 20.52 4.54 26.73
N LEU B 381 19.18 4.37 26.69
CA LEU B 381 18.29 5.23 27.47
C LEU B 381 18.57 5.04 28.97
N GLU B 382 18.88 3.82 29.36
CA GLU B 382 19.05 3.51 30.77
C GLU B 382 20.49 3.72 31.22
N GLY B 383 21.34 4.25 30.32
CA GLY B 383 22.74 4.49 30.58
C GLY B 383 23.55 3.24 30.88
N THR B 384 23.16 2.10 30.29
CA THR B 384 23.89 0.85 30.48
C THR B 384 24.48 0.32 29.18
N LEU B 385 24.43 1.08 28.07
CA LEU B 385 25.00 0.61 26.81
C LEU B 385 26.50 0.36 26.98
N ALA B 386 26.99 -0.78 26.47
CA ALA B 386 28.44 -1.05 26.53
C ALA B 386 29.18 0.09 25.82
N ASP B 387 30.34 0.48 26.40
CA ASP B 387 31.10 1.62 25.93
C ASP B 387 31.61 1.35 24.54
N GLU B 388 31.87 0.06 24.28
CA GLU B 388 32.29 -0.34 22.96
C GLU B 388 31.25 0.10 21.94
N LEU B 389 29.96 -0.10 22.25
CA LEU B 389 28.91 0.15 21.27
C LEU B 389 28.65 1.65 21.25
N ALA B 390 28.67 2.29 22.43
CA ALA B 390 28.44 3.70 22.59
C ALA B 390 29.48 4.52 21.81
N HIS B 391 30.74 4.04 21.79
CA HIS B 391 31.81 4.70 21.08
C HIS B 391 31.64 4.57 19.57
N LYS B 392 31.36 3.34 19.12
CA LYS B 392 31.09 3.07 17.72
C LYS B 392 29.94 3.95 17.16
N TRP B 393 28.98 4.26 18.03
CA TRP B 393 27.71 4.86 17.63
C TRP B 393 27.63 6.33 18.03
N ARG B 394 28.74 6.88 18.53
CA ARG B 394 28.74 8.11 19.27
C ARG B 394 28.39 9.28 18.34
N TRP B 395 27.94 10.35 18.97
CA TRP B 395 27.90 11.65 18.33
C TRP B 395 29.30 12.05 17.89
N ARG B 396 29.47 12.33 16.60
CA ARG B 396 30.78 12.44 15.96
C ARG B 396 30.69 13.35 14.75
N PRO B 397 30.10 14.56 14.89
CA PRO B 397 30.15 15.57 13.81
C PRO B 397 31.60 15.87 13.42
N GLY B 398 31.86 16.07 12.12
CA GLY B 398 33.19 16.40 11.65
C GLY B 398 34.16 15.23 11.67
N SER B 399 33.63 14.00 11.72
CA SER B 399 34.44 12.81 11.85
C SER B 399 34.70 12.19 10.49
N GLY B 400 34.22 12.79 9.39
CA GLY B 400 34.33 12.18 8.07
C GLY B 400 33.17 12.60 7.17
N ASP B 401 33.35 12.39 5.86
CA ASP B 401 32.39 12.79 4.84
C ASP B 401 31.35 11.69 4.67
N ALA B 402 30.12 11.93 5.14
CA ALA B 402 29.06 10.93 5.03
C ALA B 402 28.48 10.88 3.60
N LEU B 403 28.74 11.91 2.79
CA LEU B 403 28.27 11.96 1.41
C LEU B 403 28.92 10.84 0.60
N LYS B 404 30.22 10.61 0.81
CA LYS B 404 30.96 9.52 0.20
C LYS B 404 30.82 8.27 1.05
N SER B 405 31.01 8.45 2.36
N SER B 405 30.99 8.44 2.38
CA SER B 405 30.94 7.35 3.32
CA SER B 405 31.00 7.38 3.36
C SER B 405 32.09 6.36 3.07
C SER B 405 32.10 6.35 3.04
N ARG B 406 31.82 5.07 3.29
CA ARG B 406 32.73 3.99 3.00
C ARG B 406 32.60 3.57 1.53
N ARG B 407 31.82 4.33 0.72
CA ARG B 407 31.58 3.99 -0.68
C ARG B 407 32.68 4.61 -1.52
N GLU B 408 32.67 4.34 -2.85
CA GLU B 408 33.73 4.77 -3.75
C GLU B 408 33.49 6.22 -4.15
N ALA B 409 32.34 6.45 -4.80
CA ALA B 409 31.93 7.78 -5.16
C ALA B 409 31.18 8.44 -3.99
N PRO B 410 31.21 9.78 -3.86
CA PRO B 410 30.03 10.51 -3.38
C PRO B 410 28.84 10.13 -4.28
N ALA B 411 27.63 10.15 -3.68
CA ALA B 411 26.39 9.95 -4.43
C ALA B 411 26.17 11.13 -5.37
N LYS B 412 25.57 10.85 -6.55
CA LYS B 412 25.12 11.86 -7.50
C LYS B 412 23.75 12.39 -7.06
N ASP B 413 23.51 13.69 -7.27
CA ASP B 413 22.26 14.29 -6.85
C ASP B 413 21.19 14.10 -7.91
N LEU B 414 19.93 13.87 -7.47
CA LEU B 414 18.86 13.54 -8.38
C LEU B 414 18.48 14.74 -9.25
N ALA B 415 18.94 15.94 -8.89
CA ALA B 415 18.64 17.14 -9.66
C ALA B 415 19.17 16.98 -11.09
N ASP B 416 20.46 16.61 -11.20
CA ASP B 416 21.13 16.36 -12.47
C ASP B 416 20.35 15.29 -13.24
PA FAD C . -12.61 -1.79 -9.71
O1A FAD C . -11.83 -0.51 -9.78
O2A FAD C . -12.94 -2.30 -8.36
O5B FAD C . -11.79 -2.97 -10.38
C5B FAD C . -11.28 -2.92 -11.71
C4B FAD C . -10.03 -3.76 -11.72
O4B FAD C . -9.53 -3.73 -13.08
C3B FAD C . -8.87 -3.28 -10.82
O3B FAD C . -8.45 -4.27 -9.87
C2B FAD C . -7.79 -2.90 -11.83
O2B FAD C . -6.43 -3.06 -11.47
C1B FAD C . -8.14 -3.85 -12.97
N9A FAD C . -7.50 -3.52 -14.24
C8A FAD C . -7.31 -2.27 -14.77
N7A FAD C . -6.64 -2.31 -15.91
C5A FAD C . -6.38 -3.66 -16.09
C6A FAD C . -5.67 -4.34 -17.10
N6A FAD C . -5.12 -3.71 -18.13
N1A FAD C . -5.65 -5.69 -17.02
C2A FAD C . -6.24 -6.29 -15.98
N3A FAD C . -6.87 -5.74 -14.94
C4A FAD C . -6.90 -4.41 -15.07
N1 FAD C . -19.92 2.23 -4.13
C2 FAD C . -20.84 1.98 -3.18
O2 FAD C . -21.63 1.05 -3.28
N3 FAD C . -20.92 2.76 -2.04
C4 FAD C . -20.07 3.82 -1.81
O4 FAD C . -20.14 4.49 -0.77
C4X FAD C . -19.12 4.12 -2.79
N5 FAD C . -18.32 5.13 -2.59
C5X FAD C . -17.38 5.39 -3.54
C6 FAD C . -16.50 6.47 -3.30
C7 FAD C . -15.49 6.78 -4.21
C7M FAD C . -14.63 7.96 -3.88
C8 FAD C . -15.35 5.97 -5.43
C8M FAD C . -14.34 6.20 -6.53
C9 FAD C . -16.23 4.91 -5.64
C9A FAD C . -17.25 4.60 -4.71
N10 FAD C . -18.16 3.57 -4.93
C10 FAD C . -19.09 3.25 -3.95
C1' FAD C . -18.04 2.66 -6.10
C2' FAD C . -17.09 1.49 -5.78
O2' FAD C . -15.84 2.04 -5.64
C3' FAD C . -17.02 0.29 -6.75
O3' FAD C . -15.80 -0.44 -6.71
C4' FAD C . -17.24 0.74 -8.18
O4' FAD C . -18.60 1.26 -8.17
C5' FAD C . -16.97 -0.33 -9.24
O5' FAD C . -15.91 -1.36 -9.11
P FAD C . -15.42 -2.22 -10.44
O1P FAD C . -15.26 -3.70 -10.28
O2P FAD C . -16.24 -1.93 -11.67
O3P FAD C . -13.94 -1.59 -10.61
H51A FAD C . -11.06 -1.99 -11.96
H52A FAD C . -11.94 -3.29 -12.34
H4B FAD C . -10.27 -4.68 -11.48
H3B FAD C . -9.17 -2.47 -10.33
HO3A FAD C . -7.81 -3.95 -9.41
H2B FAD C . -7.93 -1.96 -12.13
HO2A FAD C . -5.94 -2.82 -12.11
H1B FAD C . -7.91 -4.76 -12.71
H8A FAD C . -7.59 -1.47 -14.37
H61A FAD C . -5.18 -4.06 -18.93
H62A FAD C . -4.70 -2.96 -18.00
H2A FAD C . -6.14 -7.24 -15.94
HN3 FAD C . -21.54 2.56 -1.45
H6 FAD C . -16.58 6.96 -2.50
HM71 FAD C . -14.25 8.33 -4.68
HM72 FAD C . -13.92 7.68 -3.28
HM73 FAD C . -15.16 8.64 -3.43
HM81 FAD C . -13.95 5.34 -6.80
HM82 FAD C . -13.64 6.79 -6.22
HM83 FAD C . -14.78 6.60 -7.29
H9 FAD C . -16.15 4.41 -6.44
H1'1 FAD C . -17.70 3.16 -6.86
H1'2 FAD C . -18.92 2.32 -6.33
H2' FAD C . -17.34 1.13 -4.89
HO2' FAD C . -15.30 1.62 -6.13
H3' FAD C . -17.75 -0.34 -6.52
HO3' FAD C . -15.46 -0.46 -7.48
H4' FAD C . -16.63 1.51 -8.36
HO4' FAD C . -19.07 0.88 -8.77
H5'1 FAD C . -16.77 0.12 -10.07
H5'2 FAD C . -17.79 -0.83 -9.36
C1 GOL D . -3.24 -14.55 -2.83
O1 GOL D . -4.52 -14.30 -2.24
C2 GOL D . -3.34 -14.61 -4.34
O2 GOL D . -4.05 -13.46 -4.79
C3 GOL D . -2.01 -14.68 -5.06
O3 GOL D . -1.78 -15.92 -5.73
H11 GOL D . -2.88 -15.41 -2.49
H12 GOL D . -2.61 -13.83 -2.57
HO1 GOL D . -4.42 -14.28 -1.39
H2 GOL D . -3.86 -15.42 -4.58
HO2 GOL D . -3.56 -13.06 -5.36
H31 GOL D . -1.28 -14.53 -4.41
H32 GOL D . -1.98 -13.95 -5.72
HO3 GOL D . -1.81 -16.53 -5.17
C1 GOL E . -23.91 -18.89 -6.36
O1 GOL E . -23.90 -18.01 -7.48
C2 GOL E . -25.10 -19.82 -6.43
O2 GOL E . -24.92 -20.75 -7.50
C3 GOL E . -25.38 -20.58 -5.14
O3 GOL E . -24.19 -21.17 -4.61
H11 GOL E . -23.95 -18.37 -5.52
H12 GOL E . -23.07 -19.42 -6.35
HO1 GOL E . -23.22 -17.50 -7.40
H2 GOL E . -25.89 -19.28 -6.63
HO2 GOL E . -25.03 -21.51 -7.24
H31 GOL E . -26.03 -21.29 -5.32
H32 GOL E . -25.76 -19.96 -4.47
HO3 GOL E . -23.92 -21.76 -5.15
PA FAD F . 13.19 3.29 8.38
O1A FAD F . 12.90 1.82 8.56
O2A FAD F . 12.95 3.89 7.02
O5B FAD F . 12.36 4.09 9.48
C5B FAD F . 12.15 5.49 9.40
C4B FAD F . 10.76 5.78 9.89
O4B FAD F . 10.71 7.18 10.21
C3B FAD F . 9.62 5.53 8.86
O3B FAD F . 8.61 4.71 9.43
C2B FAD F . 9.18 6.95 8.52
O2B FAD F . 7.82 7.08 8.11
C1B FAD F . 9.45 7.67 9.84
N9A FAD F . 9.44 9.15 9.80
C8A FAD F . 9.92 9.96 8.79
N7A FAD F . 9.68 11.23 9.03
C5A FAD F . 8.99 11.25 10.24
C6A FAD F . 8.45 12.29 11.01
N6A FAD F . 8.52 13.57 10.65
N1A FAD F . 7.84 11.97 12.18
C2A FAD F . 7.78 10.67 12.54
N3A FAD F . 8.22 9.60 11.86
C4A FAD F . 8.83 9.97 10.71
N1 FAD F . 19.40 -3.84 5.05
C2 FAD F . 19.77 -5.08 5.36
O2 FAD F . 20.08 -5.36 6.53
N3 FAD F . 19.79 -6.09 4.36
C4 FAD F . 19.40 -5.82 3.04
O4 FAD F . 19.38 -6.71 2.17
C4X FAD F . 19.04 -4.48 2.71
N5 FAD F . 18.69 -4.19 1.47
C5X FAD F . 18.32 -2.89 1.21
C6 FAD F . 17.90 -2.53 -0.09
C7 FAD F . 17.50 -1.24 -0.39
C7M FAD F . 17.13 -0.94 -1.82
C8 FAD F . 17.55 -0.23 0.67
C8M FAD F . 17.20 1.24 0.52
C9 FAD F . 17.93 -0.59 1.92
C9A FAD F . 18.30 -1.91 2.22
N10 FAD F . 18.68 -2.27 3.51
C10 FAD F . 19.08 -3.55 3.81
C1' FAD F . 18.77 -1.25 4.57
C2' FAD F . 17.58 -1.20 5.51
O2' FAD F . 16.42 -1.01 4.77
C3' FAD F . 17.85 -0.02 6.45
O3' FAD F . 19.22 -0.03 6.93
C4' FAD F . 16.85 0.06 7.61
O4' FAD F . 15.59 -0.48 7.17
C5' FAD F . 16.65 1.49 8.04
O5' FAD F . 15.95 1.53 9.29
P FAD F . 15.62 2.92 10.01
O1P FAD F . 14.71 2.61 11.17
O2P FAD F . 16.94 3.60 10.30
O3P FAD F . 14.74 3.60 8.81
H51A FAD F . 12.25 5.81 8.46
H52A FAD F . 12.81 5.97 9.96
H4B FAD F . 10.60 5.25 10.70
H3B FAD F . 10.01 5.09 8.05
HO3A FAD F . 8.00 4.59 8.84
H2B FAD F . 9.75 7.33 7.80
HO2A FAD F . 7.65 7.89 7.95
H1B FAD F . 8.78 7.36 10.50
H8A FAD F . 10.35 9.66 8.02
H61A FAD F . 8.46 14.20 11.26
H62A FAD F . 8.64 13.79 9.81
H2A FAD F . 7.32 10.49 13.34
HN3 FAD F . 20.02 -6.90 4.59
H6 FAD F . 17.90 -3.20 -0.77
HM71 FAD F . 17.00 0.02 -1.93
HM72 FAD F . 16.31 -1.40 -2.04
HM73 FAD F . 17.83 -1.24 -2.41
HM81 FAD F . 16.67 1.53 1.28
HM82 FAD F . 16.70 1.38 -0.30
HM83 FAD F . 18.02 1.76 0.49
H9 FAD F . 17.95 0.07 2.61
H1'1 FAD F . 18.88 -0.37 4.16
H1'2 FAD F . 19.57 -1.43 5.10
H2' FAD F . 17.53 -2.04 6.02
HO2' FAD F . 16.07 -0.27 4.98
H3' FAD F . 17.73 0.80 5.91
HO3' FAD F . 19.21 0.00 7.78
H4' FAD F . 17.19 -0.48 8.39
HO4' FAD F . 14.98 0.09 7.23
H5'1 FAD F . 16.13 1.97 7.36
H5'2 FAD F . 17.52 1.94 8.13
C1 GOL G . 7.97 14.17 7.19
O1 GOL G . 9.23 14.20 7.86
C2 GOL G . 7.88 12.94 6.31
O2 GOL G . 7.87 11.77 7.12
C3 GOL G . 6.69 12.94 5.37
O3 GOL G . 6.98 12.23 4.16
H11 GOL G . 7.87 14.98 6.64
H12 GOL G . 7.24 14.15 7.86
HO1 GOL G . 9.26 14.88 8.36
H2 GOL G . 8.69 12.92 5.75
HO2 GOL G . 7.18 11.31 6.92
H31 GOL G . 6.43 13.87 5.16
H32 GOL G . 5.92 12.50 5.82
HO3 GOL G . 6.25 11.26 4.22
C1 GOL H . 14.88 -7.06 25.61
O1 GOL H . 16.02 -6.25 25.87
C2 GOL H . 15.09 -8.50 26.00
O2 GOL H . 15.05 -8.59 27.43
C3 GOL H . 14.09 -9.49 25.41
O3 GOL H . 14.16 -9.57 23.97
H11 GOL H . 14.67 -7.03 24.66
H12 GOL H . 14.11 -6.70 26.12
HO1 GOL H . 15.86 -5.48 25.63
H2 GOL H . 15.99 -8.78 25.70
HO2 GOL H . 14.45 -9.16 27.66
H31 GOL H . 13.18 -9.20 25.66
H32 GOL H . 14.24 -10.38 25.78
HO3 GOL H . 14.94 -9.82 23.77
C1 GOL I . 36.76 5.52 25.73
O1 GOL I . 36.86 6.12 24.43
C2 GOL I . 36.60 4.02 25.62
O2 GOL I . 36.76 3.40 26.89
C3 GOL I . 35.25 3.60 25.08
O3 GOL I . 35.25 3.62 23.67
H11 GOL I . 35.98 5.90 26.20
H12 GOL I . 37.58 5.72 26.24
HO1 GOL I . 36.99 6.82 24.42
H2 GOL I . 37.29 3.66 25.02
HO2 GOL I . 35.97 3.01 27.15
H31 GOL I . 34.56 4.21 25.42
H32 GOL I . 35.04 2.68 25.39
HO3 GOL I . 35.48 4.39 23.41
#